data_9VNF
#
_entry.id   9VNF
#
_cell.length_a   1.00
_cell.length_b   1.00
_cell.length_c   1.00
_cell.angle_alpha   90.00
_cell.angle_beta   90.00
_cell.angle_gamma   90.00
#
_symmetry.space_group_name_H-M   'P 1'
#
loop_
_entity.id
_entity.type
_entity.pdbx_description
1 polymer 'Guanine nucleotide-binding protein G(o) subunit alpha'
2 polymer 'Guanine nucleotide-binding protein G(I)/G(S)/G(T) subunit beta-1'
3 polymer 'Guanine nucleotide-binding protein G(I)/G(S)/G(O) subunit gamma-2'
4 polymer scFv16
5 polymer 'Soluble cytochrome b562,5-hydroxytryptamine receptor 1A'
6 non-polymer (2~{S})-1-(1~{H}-indol-4-yloxy)-3-(propan-2-ylamino)propan-2-ol
7 non-polymer CHOLESTEROL
8 non-polymer '(2R)-1-(heptadecanoyloxy)-3-{[(R)-hydroxy{[(1R,2R,3R,4R,5S,6R)-2,3,5,6-tetrahydroxy-4-(phosphonooxy)cyclohexyl]oxy}phosphoryl]oxy}propan-2-yl (5Z,8Z,11Z,14Z)-icosa-5,8,11,14-tetraenoate'
#
loop_
_entity_poly.entity_id
_entity_poly.type
_entity_poly.pdbx_seq_one_letter_code
_entity_poly.pdbx_strand_id
1 'polypeptide(L)'
;MGSTLSAEERAALERSKAIEKNLKEDGISAAKDVKLLLLGAGESGKNTIVKQMKIIHEDGFSGEDVKQYKPVVYSNTIQS
LAAIVRAMDTLGIEYGDKERKADAKMVCDVVSRMEDTEPFSAELLSAMMRLWGDSGIQECFNRSREYQLNDSAKYYLDSL
DRIGAADYQPTEQDILRTRVKTTGIVETHFTFKNLHFRLFDVGAQRSERKKWIHCFEDVTAIIFCVALSGYDQVLHEDET
TNRMHASLKLFDSICNNKFFIDTSIILFLNKKDLFGEKIKKSPLTICFPEYTGPNTYEDAAAYIQAQFESKNRSPNKEIY
CHMTCSTDTNNIQVVFDAVTDIIIANNLRGCGLY
;
B
2 'polypeptide(L)'
;MHHHHHHLEVLFQGPGSSGSELDQLRQEAEQLKNQIRDARKACADATLSQITNNIDPVGRIQMRTRRTLRGHLAKIYAMH
WGTDSRLLVSASQDGKLIIWDSYTTNKVHAIPLRSSWVMTCAYAPSGNYVACGGLDNICSIYNLKTREGNVRVSRELAGH
TGYLSCCRFLDDNQIVTSSGDTTCALWDIETGQQTTTFTGHTGDVMSLSLAPDTRLFVSGACDASAKLWDVREGMCRQTF
TGHESDINAICFFPNGNAFATGSDDATCRLFDLRADQELMTYSHDNIICGITSVSFSKSGRLLLAGYDDFNCNVWDALKA
DRAGVLAGHDNRVSCLGVTDDGMAVATGSWDSFLKIWN
;
C
3 'polypeptide(L)' MASNNTASIAQARKLVEQLKMEANIDRIKVSKAAADLMAYCEAHAKEDPLLTPVPASENPFREKKFFCAIL D
4 'polypeptide(L)'
;DVQLVESGGGLVQPGGSRKLSCSASGFAFSSFGMHWVRQAPEKGLEWVAYISSGSGTIYYADTVKGRFTISRDDPKNTLF
LQMTSLRSEDTAMYYCVRSIYYYGSSPFDFWGQGTTLTVSSGGGGSGGGGSGGGGSDIVMTQATSSVPVTPGESVSISCR
SSKSLLHSNGNTYLYWFLQRPGQSPQLLIYRMSNLASGVPDRFSGSGSGTAFTLTISRLEAEDVGVYYCMQHLEYPLTFG
AGTKLELKAAA
;
E
5 'polypeptide(L)'
;DYKDDDDAKLQTMHHHHHHHHHHENLYFQGGTTMADLEDNWETLNDNLKVIEKADNAAQVKDALTKMRAAALDAQKATPP
KLEDKSPDSPEMKDFRHGFDILVGQIDDALKLANEGKVKEAQAAAEQLKTTRNAYIQKYLGSTLEVLFQGPTTGISDVTV
SYQVITSLLLGTLIFCAVLGNACVVAAIALERSLQNVANYLIGSLAVTDLMVSVLVLPMAALYQVLNKWTLGQVTCDLFI
ALDVLCCTSSIWHLCAIALDRYWAITDPIDYVNKRTPRRAAALISLTWLIGFLISIPPMLGWRTPEDRSDPDACTISKDH
GYTIYSTFGAFYIPLLLMLVLYGRIFRAARFRIRKTVKKVEKTGADTRHGASPAPQPKKSVNGESGSRNWRLGVESKAGG
ALCANGAVRQGDDGAALEVIEVHRVGNSKEHLPLPSEAGPTPCAPASFERKNERNAEAKRKMALARERKTVKTLGIIMGT
FILCWLPFFIVALVLPFCESSCHMPTLLGAIINWLGYSNSLLNPVIYAYFNKDFQNAFKKIIKCKFCRQ
;
R
#
loop_
_chem_comp.id
_chem_comp.type
_chem_comp.name
_chem_comp.formula
A1ES4 non-polymer (2~{S})-1-(1~{H}-indol-4-yloxy)-3-(propan-2-ylamino)propan-2-ol 'C14 H20 N2 O2'
CLR non-polymer CHOLESTEROL 'C27 H46 O'
T7M non-polymer '(2R)-1-(heptadecanoyloxy)-3-{[(R)-hydroxy{[(1R,2R,3R,4R,5S,6R)-2,3,5,6-tetrahydroxy-4-(phosphonooxy)cyclohexyl]oxy}phosphoryl]oxy}propan-2-yl (5Z,8Z,11Z,14Z)-icosa-5,8,11,14-tetraenoate' 'C46 H82 O16 P2'
#
# COMPACT_ATOMS: atom_id res chain seq x y z
N LEU A 5 2.44 0.34 27.10
CA LEU A 5 1.15 0.70 26.53
C LEU A 5 0.03 0.55 27.54
N SER A 6 -1.07 1.26 27.29
CA SER A 6 -2.27 1.08 28.05
C SER A 6 -2.97 -0.21 27.64
N ALA A 7 -3.93 -0.64 28.46
CA ALA A 7 -4.71 -1.82 28.11
C ALA A 7 -5.47 -1.58 26.82
N GLU A 8 -6.09 -0.41 26.69
CA GLU A 8 -6.80 -0.06 25.47
C GLU A 8 -5.83 0.15 24.33
N GLU A 9 -4.66 0.76 24.59
CA GLU A 9 -3.64 0.86 23.57
C GLU A 9 -3.15 -0.51 23.13
N ARG A 10 -3.01 -1.44 24.08
CA ARG A 10 -2.59 -2.79 23.73
C ARG A 10 -3.62 -3.49 22.86
N ALA A 11 -4.90 -3.33 23.19
CA ALA A 11 -5.94 -3.95 22.37
C ALA A 11 -6.08 -3.26 21.02
N ALA A 12 -5.86 -1.95 20.96
CA ALA A 12 -5.81 -1.27 19.68
C ALA A 12 -4.66 -1.76 18.82
N LEU A 13 -3.50 -2.00 19.44
CA LEU A 13 -2.36 -2.55 18.71
C LEU A 13 -2.66 -3.95 18.21
N GLU A 14 -3.35 -4.75 19.03
CA GLU A 14 -3.74 -6.09 18.60
C GLU A 14 -4.70 -6.03 17.42
N ARG A 15 -5.66 -5.10 17.46
CA ARG A 15 -6.55 -4.91 16.32
C ARG A 15 -5.78 -4.48 15.08
N SER A 16 -4.79 -3.60 15.25
CA SER A 16 -3.98 -3.18 14.12
C SER A 16 -3.19 -4.35 13.55
N LYS A 17 -2.69 -5.24 14.40
CA LYS A 17 -1.98 -6.43 13.93
C LYS A 17 -2.90 -7.37 13.19
N ALA A 18 -4.14 -7.54 13.67
CA ALA A 18 -5.09 -8.36 12.94
C ALA A 18 -5.41 -7.75 11.58
N ILE A 19 -5.53 -6.43 11.53
CA ILE A 19 -5.74 -5.76 10.25
C ILE A 19 -4.56 -5.97 9.33
N GLU A 20 -3.34 -5.87 9.86
CA GLU A 20 -2.14 -6.10 9.06
C GLU A 20 -2.10 -7.51 8.51
N LYS A 21 -2.49 -8.48 9.34
CA LYS A 21 -2.55 -9.87 8.88
C LYS A 21 -3.54 -10.03 7.74
N ASN A 22 -4.71 -9.43 7.87
CA ASN A 22 -5.70 -9.51 6.80
C ASN A 22 -5.21 -8.81 5.54
N LEU A 23 -4.52 -7.68 5.69
CA LEU A 23 -3.97 -6.97 4.55
C LEU A 23 -2.92 -7.82 3.84
N LYS A 24 -2.05 -8.48 4.60
CA LYS A 24 -1.06 -9.36 4.00
C LYS A 24 -1.72 -10.52 3.27
N GLU A 25 -2.76 -11.10 3.86
CA GLU A 25 -3.47 -12.19 3.20
C GLU A 25 -4.13 -11.72 1.91
N ASP A 26 -4.74 -10.54 1.94
CA ASP A 26 -5.37 -9.98 0.75
C ASP A 26 -4.35 -9.68 -0.35
N GLY A 27 -3.20 -9.14 0.03
CA GLY A 27 -2.17 -8.87 -0.96
C GLY A 27 -1.60 -10.14 -1.56
N ILE A 28 -1.47 -11.18 -0.74
CA ILE A 28 -1.03 -12.48 -1.25
C ILE A 28 -2.04 -13.04 -2.23
N SER A 29 -3.33 -12.97 -1.89
CA SER A 29 -4.36 -13.43 -2.81
C SER A 29 -4.41 -12.60 -4.09
N ALA A 30 -4.14 -11.30 -3.99
CA ALA A 30 -4.21 -10.41 -5.14
C ALA A 30 -3.01 -10.56 -6.06
N ALA A 31 -1.84 -10.89 -5.52
CA ALA A 31 -0.65 -11.07 -6.34
C ALA A 31 -0.75 -12.30 -7.24
N LYS A 32 -1.71 -13.19 -7.00
CA LYS A 32 -1.90 -14.35 -7.85
C LYS A 32 -2.84 -14.09 -9.01
N ASP A 33 -3.31 -12.86 -9.17
CA ASP A 33 -4.22 -12.52 -10.24
C ASP A 33 -3.43 -11.99 -11.43
N VAL A 34 -3.74 -12.50 -12.62
CA VAL A 34 -3.17 -11.97 -13.85
C VAL A 34 -4.09 -10.85 -14.31
N LYS A 35 -3.59 -9.62 -14.25
CA LYS A 35 -4.41 -8.45 -14.52
C LYS A 35 -4.25 -8.05 -15.98
N LEU A 36 -5.37 -8.01 -16.69
CA LEU A 36 -5.40 -7.69 -18.10
C LEU A 36 -6.14 -6.37 -18.28
N LEU A 37 -5.56 -5.48 -19.06
CA LEU A 37 -6.22 -4.22 -19.41
C LEU A 37 -6.81 -4.39 -20.81
N LEU A 38 -8.13 -4.38 -20.89
CA LEU A 38 -8.81 -4.48 -22.17
C LEU A 38 -8.96 -3.07 -22.75
N LEU A 39 -8.42 -2.88 -23.94
CA LEU A 39 -8.52 -1.62 -24.67
C LEU A 39 -9.14 -1.88 -26.03
N GLY A 40 -9.16 -0.85 -26.86
CA GLY A 40 -9.88 -0.89 -28.11
C GLY A 40 -10.66 0.40 -28.32
N ALA A 41 -11.41 0.49 -29.41
CA ALA A 41 -12.06 1.75 -29.76
C ALA A 41 -13.50 1.47 -30.19
N GLY A 42 -14.44 1.73 -29.30
CA GLY A 42 -15.85 1.72 -29.65
C GLY A 42 -16.38 0.41 -30.17
N GLU A 43 -16.63 0.34 -31.49
CA GLU A 43 -17.28 -0.81 -32.09
C GLU A 43 -16.29 -1.90 -32.49
N SER A 44 -15.14 -1.97 -31.81
CA SER A 44 -14.24 -3.10 -31.99
C SER A 44 -14.84 -4.30 -31.26
N GLY A 45 -14.11 -5.39 -31.20
CA GLY A 45 -14.63 -6.58 -30.56
C GLY A 45 -14.35 -6.68 -29.08
N LYS A 46 -14.33 -5.55 -28.36
CA LYS A 46 -14.10 -5.61 -26.93
C LYS A 46 -15.19 -6.38 -26.22
N ASN A 47 -16.45 -6.04 -26.50
CA ASN A 47 -17.55 -6.70 -25.83
C ASN A 47 -17.67 -8.14 -26.26
N THR A 48 -17.31 -8.44 -27.51
CA THR A 48 -17.32 -9.82 -27.98
C THR A 48 -16.31 -10.67 -27.21
N ILE A 49 -15.10 -10.15 -26.99
CA ILE A 49 -14.16 -10.98 -26.24
C ILE A 49 -14.49 -10.98 -24.75
N VAL A 50 -15.15 -9.96 -24.21
CA VAL A 50 -15.62 -10.05 -22.83
C VAL A 50 -16.64 -11.17 -22.70
N LYS A 51 -17.58 -11.25 -23.65
CA LYS A 51 -18.54 -12.35 -23.65
C LYS A 51 -17.86 -13.69 -23.83
N GLN A 52 -16.79 -13.72 -24.63
CA GLN A 52 -16.03 -14.95 -24.81
C GLN A 52 -15.28 -15.34 -23.54
N MET A 53 -14.82 -14.35 -22.77
CA MET A 53 -14.11 -14.62 -21.53
C MET A 53 -15.07 -15.07 -20.43
N LYS A 54 -16.32 -14.59 -20.50
CA LYS A 54 -17.34 -15.00 -19.54
C LYS A 54 -17.98 -16.31 -19.98
N THR A 183 -21.60 3.29 -14.29
CA THR A 183 -20.46 2.37 -14.16
C THR A 183 -19.36 2.79 -15.13
N GLY A 184 -18.15 2.96 -14.61
CA GLY A 184 -17.06 3.44 -15.44
C GLY A 184 -16.00 2.43 -15.79
N ILE A 185 -15.75 1.46 -14.91
CA ILE A 185 -14.83 0.38 -15.20
C ILE A 185 -15.54 -0.93 -14.94
N VAL A 186 -15.41 -1.87 -15.87
CA VAL A 186 -15.96 -3.20 -15.74
C VAL A 186 -14.83 -4.18 -15.55
N GLU A 187 -14.98 -5.07 -14.57
CA GLU A 187 -13.94 -6.01 -14.20
C GLU A 187 -14.47 -7.43 -14.44
N THR A 188 -13.83 -8.14 -15.34
CA THR A 188 -14.21 -9.51 -15.67
C THR A 188 -13.20 -10.44 -15.00
N HIS A 189 -13.68 -11.26 -14.09
CA HIS A 189 -12.84 -12.24 -13.40
C HIS A 189 -13.12 -13.62 -13.98
N PHE A 190 -12.07 -14.30 -14.42
CA PHE A 190 -12.21 -15.66 -14.90
C PHE A 190 -10.95 -16.43 -14.55
N THR A 191 -11.11 -17.75 -14.40
CA THR A 191 -10.00 -18.65 -14.14
C THR A 191 -9.90 -19.61 -15.32
N PHE A 192 -8.70 -19.72 -15.88
CA PHE A 192 -8.46 -20.62 -17.00
C PHE A 192 -7.17 -21.36 -16.75
N LYS A 193 -7.24 -22.69 -16.66
CA LYS A 193 -6.09 -23.55 -16.43
C LYS A 193 -5.29 -23.11 -15.21
N ASN A 194 -5.99 -23.01 -14.08
CA ASN A 194 -5.42 -22.67 -12.77
C ASN A 194 -4.84 -21.27 -12.73
N LEU A 195 -5.18 -20.41 -13.69
CA LEU A 195 -4.70 -19.04 -13.74
C LEU A 195 -5.89 -18.11 -13.60
N HIS A 196 -5.88 -17.26 -12.58
CA HIS A 196 -6.97 -16.33 -12.35
C HIS A 196 -6.66 -15.03 -13.08
N PHE A 197 -7.56 -14.62 -13.97
CA PHE A 197 -7.40 -13.40 -14.73
C PHE A 197 -8.37 -12.34 -14.22
N ARG A 198 -7.89 -11.10 -14.15
CA ARG A 198 -8.73 -9.95 -13.87
C ARG A 198 -8.66 -9.06 -15.09
N LEU A 199 -9.75 -9.02 -15.85
CA LEU A 199 -9.80 -8.26 -17.09
C LEU A 199 -10.53 -6.96 -16.84
N PHE A 200 -9.83 -5.84 -17.01
CA PHE A 200 -10.38 -4.52 -16.70
C PHE A 200 -10.85 -3.90 -18.00
N ASP A 201 -12.17 -3.85 -18.18
CA ASP A 201 -12.77 -3.17 -19.31
C ASP A 201 -13.02 -1.72 -18.92
N VAL A 202 -12.34 -0.80 -19.58
CA VAL A 202 -12.37 0.61 -19.22
C VAL A 202 -12.89 1.47 -20.35
N GLY A 203 -13.51 0.86 -21.37
CA GLY A 203 -14.02 1.59 -22.51
C GLY A 203 -15.13 2.55 -22.17
N ALA A 204 -15.86 2.31 -21.08
CA ALA A 204 -16.91 3.24 -20.66
C ALA A 204 -16.34 4.57 -20.22
N GLN A 205 -15.08 4.62 -19.82
CA GLN A 205 -14.45 5.88 -19.40
C GLN A 205 -14.21 6.72 -20.65
N ARG A 206 -15.14 7.62 -20.94
CA ARG A 206 -15.03 8.51 -22.11
C ARG A 206 -14.32 9.81 -21.76
N SER A 207 -13.14 9.68 -21.16
CA SER A 207 -12.38 10.82 -20.67
C SER A 207 -10.93 10.63 -21.07
N GLU A 208 -10.06 11.51 -20.60
CA GLU A 208 -8.66 11.45 -20.98
C GLU A 208 -7.99 10.25 -20.32
N ARG A 209 -7.49 9.32 -21.14
CA ARG A 209 -6.94 8.07 -20.60
C ARG A 209 -5.72 8.33 -19.74
N LYS A 210 -4.86 9.28 -20.14
CA LYS A 210 -3.59 9.44 -19.46
C LYS A 210 -3.75 9.85 -18.01
N LYS A 211 -4.94 10.30 -17.61
CA LYS A 211 -5.19 10.62 -16.22
C LYS A 211 -5.43 9.37 -15.38
N TRP A 212 -5.87 8.28 -15.98
CA TRP A 212 -6.14 7.05 -15.24
C TRP A 212 -5.45 5.85 -15.86
N ILE A 213 -4.61 6.06 -16.88
CA ILE A 213 -3.98 4.94 -17.54
C ILE A 213 -2.82 4.39 -16.70
N HIS A 214 -2.30 5.18 -15.76
CA HIS A 214 -1.27 4.69 -14.85
C HIS A 214 -1.82 3.74 -13.80
N CYS A 215 -3.13 3.71 -13.61
CA CYS A 215 -3.75 2.78 -12.69
C CYS A 215 -3.47 1.34 -13.10
N PHE A 216 -3.25 1.10 -14.38
CA PHE A 216 -3.02 -0.21 -14.95
C PHE A 216 -1.55 -0.42 -15.33
N GLU A 217 -0.66 0.37 -14.73
CA GLU A 217 0.76 0.30 -15.06
C GLU A 217 1.33 -1.10 -14.89
N ASP A 218 0.76 -1.88 -13.97
CA ASP A 218 1.30 -3.18 -13.60
C ASP A 218 0.42 -4.33 -14.07
N VAL A 219 -0.21 -4.20 -15.23
CA VAL A 219 -0.96 -5.31 -15.78
C VAL A 219 0.01 -6.27 -16.44
N THR A 220 -0.35 -7.56 -16.46
CA THR A 220 0.45 -8.53 -17.17
C THR A 220 0.48 -8.24 -18.67
N ALA A 221 -0.67 -7.88 -19.22
CA ALA A 221 -0.75 -7.57 -20.64
C ALA A 221 -1.92 -6.65 -20.89
N ILE A 222 -1.82 -5.92 -21.98
CA ILE A 222 -2.95 -5.19 -22.52
C ILE A 222 -3.60 -6.05 -23.59
N ILE A 223 -4.91 -6.17 -23.54
CA ILE A 223 -5.66 -6.82 -24.61
C ILE A 223 -6.25 -5.71 -25.46
N PHE A 224 -5.72 -5.56 -26.67
CA PHE A 224 -6.19 -4.55 -27.59
C PHE A 224 -7.08 -5.19 -28.64
N CYS A 225 -8.30 -4.71 -28.75
CA CYS A 225 -9.28 -5.23 -29.70
C CYS A 225 -9.38 -4.27 -30.88
N VAL A 226 -9.21 -4.82 -32.07
CA VAL A 226 -9.31 -4.06 -33.31
C VAL A 226 -10.30 -4.77 -34.22
N ALA A 227 -11.28 -4.04 -34.73
CA ALA A 227 -12.17 -4.59 -35.74
C ALA A 227 -11.44 -4.60 -37.08
N LEU A 228 -11.22 -5.80 -37.62
CA LEU A 228 -10.61 -5.89 -38.95
C LEU A 228 -11.50 -5.25 -39.99
N SER A 229 -12.81 -5.45 -39.89
CA SER A 229 -13.77 -4.81 -40.77
C SER A 229 -14.00 -3.37 -40.34
N GLY A 230 -12.93 -2.61 -40.21
CA GLY A 230 -13.00 -1.21 -39.86
C GLY A 230 -12.14 -0.39 -40.78
N TYR A 231 -11.38 -1.09 -41.64
CA TYR A 231 -10.61 -0.39 -42.66
C TYR A 231 -11.51 0.33 -43.65
N ASP A 232 -12.71 -0.18 -43.88
CA ASP A 232 -13.64 0.37 -44.85
C ASP A 232 -14.57 1.41 -44.25
N GLN A 233 -14.47 1.69 -42.96
CA GLN A 233 -15.45 2.51 -42.26
C GLN A 233 -14.77 3.71 -41.61
N VAL A 234 -15.47 4.85 -41.65
CA VAL A 234 -14.99 6.09 -41.08
C VAL A 234 -15.93 6.50 -39.95
N LEU A 235 -15.39 6.69 -38.76
CA LEU A 235 -16.14 7.24 -37.63
C LEU A 235 -15.21 7.55 -36.47
N ASN A 242 -11.52 7.55 -39.96
CA ASN A 242 -11.46 6.13 -40.25
C ASN A 242 -11.38 5.34 -38.96
N ARG A 243 -12.15 4.24 -38.89
CA ARG A 243 -12.08 3.38 -37.70
C ARG A 243 -10.70 2.76 -37.53
N MET A 244 -10.11 2.26 -38.62
CA MET A 244 -8.85 1.55 -38.46
C MET A 244 -7.69 2.51 -38.24
N HIS A 245 -7.76 3.72 -38.79
CA HIS A 245 -6.76 4.74 -38.44
C HIS A 245 -6.87 5.14 -36.97
N ALA A 246 -8.09 5.27 -36.46
CA ALA A 246 -8.28 5.57 -35.05
C ALA A 246 -7.75 4.44 -34.17
N SER A 247 -8.02 3.19 -34.55
CA SER A 247 -7.49 2.07 -33.79
C SER A 247 -5.97 2.03 -33.83
N LEU A 248 -5.38 2.36 -34.99
CA LEU A 248 -3.92 2.40 -35.08
C LEU A 248 -3.33 3.51 -34.22
N LYS A 249 -3.95 4.69 -34.22
CA LYS A 249 -3.46 5.77 -33.37
C LYS A 249 -3.57 5.41 -31.89
N LEU A 250 -4.70 4.81 -31.50
CA LEU A 250 -4.85 4.38 -30.12
C LEU A 250 -3.83 3.32 -29.75
N PHE A 251 -3.59 2.37 -30.65
CA PHE A 251 -2.60 1.34 -30.41
C PHE A 251 -1.21 1.92 -30.28
N ASP A 252 -0.87 2.90 -31.12
CA ASP A 252 0.42 3.57 -31.01
C ASP A 252 0.57 4.28 -29.67
N SER A 253 -0.46 5.00 -29.25
CA SER A 253 -0.39 5.71 -27.97
C SER A 253 -0.26 4.74 -26.81
N ILE A 254 -0.94 3.59 -26.88
CA ILE A 254 -0.85 2.60 -25.80
C ILE A 254 0.51 1.93 -25.81
N CYS A 255 1.04 1.61 -26.99
CA CYS A 255 2.36 0.99 -27.09
C CYS A 255 3.42 1.90 -26.53
N ASN A 256 3.38 3.17 -26.89
CA ASN A 256 4.45 4.10 -26.53
C ASN A 256 4.10 4.93 -25.31
N ASN A 257 3.09 4.50 -24.55
CA ASN A 257 2.82 5.10 -23.25
C ASN A 257 3.97 4.80 -22.31
N LYS A 258 4.38 5.80 -21.52
CA LYS A 258 5.49 5.62 -20.61
C LYS A 258 5.20 4.60 -19.52
N PHE A 259 3.93 4.30 -19.27
CA PHE A 259 3.55 3.32 -18.26
C PHE A 259 3.45 1.91 -18.84
N PHE A 260 3.57 1.76 -20.15
CA PHE A 260 3.44 0.47 -20.83
C PHE A 260 4.65 0.20 -21.69
N ILE A 261 5.82 0.61 -21.22
CA ILE A 261 7.04 0.44 -22.00
C ILE A 261 7.32 -1.04 -22.21
N ASP A 262 7.22 -1.82 -21.13
CA ASP A 262 7.51 -3.24 -21.18
C ASP A 262 6.27 -4.11 -21.06
N THR A 263 5.08 -3.54 -21.28
CA THR A 263 3.83 -4.29 -21.16
C THR A 263 3.49 -4.91 -22.49
N SER A 264 3.50 -6.24 -22.57
CA SER A 264 3.11 -6.92 -23.78
C SER A 264 1.65 -6.68 -24.09
N ILE A 265 1.29 -6.85 -25.36
CA ILE A 265 -0.07 -6.57 -25.83
C ILE A 265 -0.61 -7.79 -26.56
N ILE A 266 -1.77 -8.26 -26.11
CA ILE A 266 -2.48 -9.35 -26.78
C ILE A 266 -3.42 -8.69 -27.78
N LEU A 267 -2.94 -8.51 -29.01
CA LEU A 267 -3.73 -7.84 -30.03
C LEU A 267 -4.76 -8.79 -30.62
N PHE A 268 -6.02 -8.42 -30.54
CA PHE A 268 -7.09 -9.16 -31.19
C PHE A 268 -7.55 -8.38 -32.40
N LEU A 269 -7.49 -9.01 -33.57
CA LEU A 269 -8.01 -8.44 -34.80
C LEU A 269 -9.38 -9.09 -35.02
N ASN A 270 -10.43 -8.38 -34.59
CA ASN A 270 -11.75 -8.95 -34.50
C ASN A 270 -12.50 -8.84 -35.82
N LYS A 271 -13.61 -9.57 -35.91
CA LYS A 271 -14.48 -9.57 -37.09
C LYS A 271 -13.71 -9.95 -38.34
N LYS A 272 -12.88 -10.99 -38.23
CA LYS A 272 -12.14 -11.46 -39.39
C LYS A 272 -13.08 -12.01 -40.46
N ASP A 273 -14.23 -12.54 -40.06
CA ASP A 273 -15.19 -13.04 -41.04
C ASP A 273 -15.86 -11.90 -41.80
N LEU A 274 -16.26 -10.84 -41.10
CA LEU A 274 -16.79 -9.67 -41.77
C LEU A 274 -15.73 -9.00 -42.64
N PHE A 275 -14.48 -9.01 -42.17
CA PHE A 275 -13.38 -8.50 -42.97
C PHE A 275 -13.21 -9.31 -44.25
N GLY A 276 -13.31 -10.63 -44.15
CA GLY A 276 -13.23 -11.45 -45.36
C GLY A 276 -14.39 -11.21 -46.29
N GLU A 277 -15.58 -10.96 -45.73
CA GLU A 277 -16.74 -10.65 -46.55
C GLU A 277 -16.54 -9.35 -47.32
N LYS A 278 -16.04 -8.31 -46.66
CA LYS A 278 -15.95 -7.00 -47.28
C LYS A 278 -14.59 -6.70 -47.89
N ILE A 279 -13.66 -7.66 -47.87
CA ILE A 279 -12.37 -7.44 -48.52
C ILE A 279 -12.37 -7.94 -49.95
N LYS A 280 -13.21 -8.92 -50.27
CA LYS A 280 -13.34 -9.38 -51.65
C LYS A 280 -14.04 -8.34 -52.51
N LYS A 281 -14.98 -7.58 -51.94
CA LYS A 281 -15.66 -6.54 -52.70
C LYS A 281 -14.81 -5.28 -52.81
N SER A 282 -14.46 -4.68 -51.67
CA SER A 282 -13.65 -3.46 -51.65
C SER A 282 -12.22 -3.77 -51.25
N PRO A 283 -11.25 -3.09 -51.83
CA PRO A 283 -9.84 -3.41 -51.56
C PRO A 283 -9.37 -2.76 -50.26
N LEU A 284 -8.18 -3.17 -49.83
CA LEU A 284 -7.53 -2.58 -48.68
C LEU A 284 -6.76 -1.34 -49.10
N THR A 285 -7.43 -0.43 -49.80
CA THR A 285 -6.86 0.85 -50.18
C THR A 285 -7.62 2.04 -49.61
N ILE A 286 -8.88 1.85 -49.22
CA ILE A 286 -9.63 2.92 -48.56
C ILE A 286 -8.97 3.29 -47.23
N CYS A 287 -8.39 2.32 -46.54
CA CYS A 287 -7.67 2.58 -45.30
C CYS A 287 -6.20 2.87 -45.51
N PHE A 288 -5.49 2.00 -46.24
CA PHE A 288 -4.06 2.15 -46.44
C PHE A 288 -3.76 2.39 -47.92
N PRO A 289 -3.59 3.65 -48.33
CA PRO A 289 -3.22 3.91 -49.73
C PRO A 289 -1.89 3.31 -50.13
N GLU A 290 -0.93 3.23 -49.21
CA GLU A 290 0.40 2.73 -49.52
C GLU A 290 0.48 1.21 -49.52
N TYR A 291 -0.66 0.53 -49.47
CA TYR A 291 -0.66 -0.93 -49.36
C TYR A 291 0.02 -1.57 -50.57
N THR A 292 -0.55 -1.38 -51.75
CA THR A 292 -0.01 -1.90 -53.01
C THR A 292 0.33 -3.38 -52.89
N GLY A 293 -0.60 -4.14 -52.34
CA GLY A 293 -0.43 -5.56 -52.19
C GLY A 293 -1.64 -6.33 -52.67
N PRO A 294 -1.62 -7.65 -52.53
CA PRO A 294 -2.76 -8.46 -52.96
C PRO A 294 -4.01 -8.13 -52.15
N ASN A 295 -5.15 -8.24 -52.80
CA ASN A 295 -6.42 -7.90 -52.19
C ASN A 295 -7.05 -9.11 -51.49
N THR A 296 -6.32 -10.22 -51.42
CA THR A 296 -6.84 -11.42 -50.78
C THR A 296 -6.98 -11.20 -49.27
N TYR A 297 -7.86 -11.99 -48.66
CA TYR A 297 -8.15 -11.83 -47.24
C TYR A 297 -6.91 -12.04 -46.39
N GLU A 298 -6.16 -13.12 -46.65
CA GLU A 298 -5.00 -13.42 -45.83
C GLU A 298 -3.95 -12.33 -45.94
N ASP A 299 -3.68 -11.85 -47.15
CA ASP A 299 -2.64 -10.85 -47.33
C ASP A 299 -3.06 -9.51 -46.75
N ALA A 300 -4.32 -9.11 -46.94
CA ALA A 300 -4.80 -7.86 -46.34
C ALA A 300 -4.75 -7.93 -44.82
N ALA A 301 -5.19 -9.05 -44.23
CA ALA A 301 -5.15 -9.18 -42.79
C ALA A 301 -3.72 -9.19 -42.26
N ALA A 302 -2.80 -9.84 -42.99
CA ALA A 302 -1.41 -9.81 -42.59
C ALA A 302 -0.83 -8.40 -42.68
N TYR A 303 -1.24 -7.64 -43.69
CA TYR A 303 -0.79 -6.24 -43.77
C TYR A 303 -1.32 -5.42 -42.60
N ILE A 304 -2.57 -5.62 -42.22
CA ILE A 304 -3.13 -4.89 -41.07
C ILE A 304 -2.36 -5.26 -39.80
N GLN A 305 -2.11 -6.56 -39.61
CA GLN A 305 -1.35 -7.00 -38.44
C GLN A 305 0.05 -6.41 -38.44
N ALA A 306 0.69 -6.35 -39.62
CA ALA A 306 2.02 -5.76 -39.71
C ALA A 306 1.98 -4.27 -39.38
N GLN A 307 0.94 -3.57 -39.83
CA GLN A 307 0.80 -2.15 -39.48
C GLN A 307 0.69 -1.98 -37.98
N PHE A 308 -0.08 -2.84 -37.32
CA PHE A 308 -0.23 -2.73 -35.87
C PHE A 308 1.07 -3.07 -35.14
N GLU A 309 1.74 -4.16 -35.53
CA GLU A 309 3.00 -4.52 -34.88
C GLU A 309 4.12 -3.55 -35.20
N SER A 310 3.99 -2.75 -36.26
CA SER A 310 5.00 -1.73 -36.54
C SER A 310 5.07 -0.66 -35.45
N LYS A 311 4.06 -0.59 -34.58
CA LYS A 311 4.03 0.39 -33.50
C LYS A 311 4.73 -0.10 -32.24
N ASN A 312 5.16 -1.36 -32.20
CA ASN A 312 5.77 -1.92 -31.00
C ASN A 312 7.03 -1.14 -30.61
N ARG A 313 8.02 -1.13 -31.50
CA ARG A 313 9.31 -0.44 -31.32
C ARG A 313 9.81 -0.54 -29.88
N SER A 314 9.92 -1.80 -29.43
CA SER A 314 10.42 -2.10 -28.09
C SER A 314 10.88 -3.55 -28.03
N PRO A 315 12.05 -3.82 -27.46
CA PRO A 315 12.53 -5.21 -27.39
C PRO A 315 11.89 -5.99 -26.26
N ASN A 316 11.59 -5.34 -25.15
CA ASN A 316 11.08 -6.01 -23.96
C ASN A 316 9.56 -6.17 -23.97
N LYS A 317 8.92 -5.83 -25.08
CA LYS A 317 7.47 -5.94 -25.22
C LYS A 317 7.15 -6.68 -26.51
N GLU A 318 6.22 -7.63 -26.43
CA GLU A 318 5.78 -8.40 -27.58
C GLU A 318 4.30 -8.17 -27.83
N ILE A 319 3.91 -8.13 -29.10
CA ILE A 319 2.51 -8.03 -29.50
C ILE A 319 2.06 -9.40 -29.99
N TYR A 320 1.08 -9.98 -29.31
CA TYR A 320 0.53 -11.29 -29.67
C TYR A 320 -0.76 -11.04 -30.46
N CYS A 321 -0.73 -11.29 -31.75
CA CYS A 321 -1.84 -10.97 -32.62
C CYS A 321 -2.64 -12.22 -32.98
N HIS A 322 -3.94 -12.17 -32.72
CA HIS A 322 -4.85 -13.24 -33.07
C HIS A 322 -6.02 -12.66 -33.83
N MET A 323 -6.50 -13.40 -34.84
CA MET A 323 -7.62 -12.98 -35.66
C MET A 323 -8.85 -13.77 -35.25
N THR A 324 -9.93 -13.07 -34.93
CA THR A 324 -11.12 -13.68 -34.37
C THR A 324 -12.33 -13.32 -35.22
N CYS A 325 -13.36 -14.17 -35.14
CA CYS A 325 -14.54 -14.02 -35.98
C CYS A 325 -15.83 -13.93 -35.16
N SER A 326 -15.71 -13.76 -33.84
CA SER A 326 -16.82 -13.66 -32.89
C SER A 326 -17.57 -14.97 -32.72
N THR A 327 -17.21 -16.02 -33.46
CA THR A 327 -17.86 -17.32 -33.35
C THR A 327 -16.86 -18.42 -33.02
N ASP A 328 -15.70 -18.06 -32.50
CA ASP A 328 -14.66 -19.02 -32.14
C ASP A 328 -14.48 -19.01 -30.62
N THR A 329 -14.62 -20.19 -30.01
CA THR A 329 -14.51 -20.33 -28.56
C THR A 329 -13.10 -20.71 -28.13
N ASN A 330 -12.11 -19.92 -28.56
CA ASN A 330 -10.73 -20.19 -28.18
C ASN A 330 -9.94 -18.95 -27.83
N ASN A 331 -10.58 -17.79 -27.73
CA ASN A 331 -9.85 -16.57 -27.39
C ASN A 331 -9.42 -16.59 -25.93
N ILE A 332 -10.14 -17.33 -25.09
CA ILE A 332 -9.67 -17.62 -23.75
C ILE A 332 -8.34 -18.36 -23.80
N GLN A 333 -8.23 -19.36 -24.68
CA GLN A 333 -6.97 -20.06 -24.85
C GLN A 333 -5.90 -19.14 -25.41
N VAL A 334 -6.26 -18.25 -26.33
CA VAL A 334 -5.28 -17.36 -26.92
C VAL A 334 -4.70 -16.43 -25.87
N VAL A 335 -5.57 -15.86 -25.04
CA VAL A 335 -5.08 -14.98 -23.97
C VAL A 335 -4.27 -15.77 -22.95
N PHE A 336 -4.69 -17.00 -22.62
CA PHE A 336 -3.91 -17.80 -21.69
C PHE A 336 -2.52 -18.09 -22.24
N ASP A 337 -2.42 -18.46 -23.51
CA ASP A 337 -1.11 -18.74 -24.11
C ASP A 337 -0.27 -17.48 -24.18
N ALA A 338 -0.87 -16.35 -24.54
CA ALA A 338 -0.12 -15.11 -24.59
C ALA A 338 0.39 -14.71 -23.21
N VAL A 339 -0.43 -14.89 -22.17
CA VAL A 339 -0.01 -14.55 -20.82
C VAL A 339 1.08 -15.51 -20.32
N THR A 340 0.95 -16.79 -20.65
CA THR A 340 2.00 -17.75 -20.35
C THR A 340 3.31 -17.36 -21.02
N ASP A 341 3.24 -16.94 -22.28
CA ASP A 341 4.43 -16.50 -22.99
C ASP A 341 5.01 -15.25 -22.35
N ILE A 342 4.16 -14.31 -21.92
CA ILE A 342 4.62 -13.09 -21.27
C ILE A 342 5.34 -13.42 -19.97
N ILE A 343 4.77 -14.31 -19.17
CA ILE A 343 5.39 -14.68 -17.90
C ILE A 343 6.70 -15.39 -18.14
N ILE A 344 6.73 -16.31 -19.10
CA ILE A 344 7.96 -17.04 -19.41
C ILE A 344 9.04 -16.09 -19.89
N ALA A 345 8.67 -15.15 -20.76
CA ALA A 345 9.66 -14.19 -21.27
C ALA A 345 10.13 -13.24 -20.19
N ASN A 346 9.25 -12.84 -19.27
CA ASN A 346 9.66 -12.01 -18.15
C ASN A 346 10.64 -12.77 -17.26
N ASN A 347 10.36 -14.05 -17.01
CA ASN A 347 11.25 -14.85 -16.19
C ASN A 347 12.59 -15.04 -16.88
N LEU A 348 12.58 -15.26 -18.19
CA LEU A 348 13.84 -15.38 -18.93
C LEU A 348 14.62 -14.08 -18.90
N ARG A 349 13.94 -12.95 -19.00
CA ARG A 349 14.61 -11.66 -18.86
C ARG A 349 15.20 -11.49 -17.47
N GLY A 350 14.52 -12.01 -16.46
CA GLY A 350 15.06 -11.98 -15.11
C GLY A 350 16.36 -12.75 -14.99
N CYS A 351 16.43 -13.91 -15.63
CA CYS A 351 17.64 -14.72 -15.62
C CYS A 351 18.66 -14.27 -16.66
N GLY A 352 18.35 -13.23 -17.44
CA GLY A 352 19.27 -12.79 -18.47
C GLY A 352 19.28 -13.65 -19.70
N LEU A 353 18.21 -14.38 -19.97
CA LEU A 353 18.12 -15.28 -21.11
C LEU A 353 17.10 -14.79 -22.14
N TYR A 354 16.87 -13.48 -22.20
CA TYR A 354 15.90 -12.93 -23.13
C TYR A 354 16.14 -11.46 -23.36
N LEU B 25 -20.80 33.97 -31.82
CA LEU B 25 -20.63 34.53 -30.48
C LEU B 25 -19.21 34.33 -29.98
N ARG B 26 -18.39 33.67 -30.80
CA ARG B 26 -16.98 33.50 -30.44
C ARG B 26 -16.27 34.84 -30.34
N GLN B 27 -16.67 35.81 -31.18
CA GLN B 27 -16.07 37.14 -31.10
C GLN B 27 -16.41 37.81 -29.77
N GLU B 28 -17.67 37.69 -29.32
CA GLU B 28 -18.03 38.26 -28.03
C GLU B 28 -17.35 37.54 -26.88
N ALA B 29 -17.19 36.22 -27.00
CA ALA B 29 -16.46 35.47 -25.97
C ALA B 29 -15.01 35.91 -25.88
N GLU B 30 -14.36 36.11 -27.03
CA GLU B 30 -12.99 36.60 -27.03
C GLU B 30 -12.90 38.03 -26.48
N GLN B 31 -13.90 38.86 -26.81
CA GLN B 31 -13.94 40.22 -26.27
C GLN B 31 -14.04 40.21 -24.76
N LEU B 32 -14.91 39.36 -24.21
CA LEU B 32 -15.05 39.26 -22.76
C LEU B 32 -13.79 38.69 -22.12
N LYS B 33 -13.13 37.74 -22.81
CA LYS B 33 -11.88 37.21 -22.29
C LYS B 33 -10.81 38.29 -22.24
N ASN B 34 -10.74 39.13 -23.27
CA ASN B 34 -9.78 40.23 -23.27
C ASN B 34 -10.12 41.26 -22.21
N GLN B 35 -11.41 41.50 -21.98
CA GLN B 35 -11.82 42.41 -20.91
C GLN B 35 -11.39 41.86 -19.55
N ILE B 36 -11.55 40.56 -19.34
CA ILE B 36 -11.10 39.92 -18.09
C ILE B 36 -9.59 40.05 -17.95
N ARG B 37 -8.86 39.82 -19.04
CA ARG B 37 -7.40 39.96 -18.99
C ARG B 37 -7.00 41.39 -18.65
N ASP B 38 -7.69 42.37 -19.24
CA ASP B 38 -7.38 43.77 -18.94
C ASP B 38 -7.70 44.11 -17.49
N ALA B 39 -8.81 43.61 -16.97
CA ALA B 39 -9.16 43.86 -15.58
C ALA B 39 -8.17 43.20 -14.64
N ARG B 40 -7.62 42.04 -15.03
CA ARG B 40 -6.60 41.39 -14.21
C ARG B 40 -5.28 42.15 -14.26
N LYS B 41 -4.93 42.68 -15.44
CA LYS B 41 -3.69 43.45 -15.57
C LYS B 41 -3.79 44.81 -14.86
N ALA B 42 -5.01 45.35 -14.75
CA ALA B 42 -5.17 46.60 -14.03
C ALA B 42 -4.89 46.44 -12.54
N CYS B 43 -5.12 45.25 -12.00
CA CYS B 43 -4.84 44.98 -10.59
C CYS B 43 -3.43 44.50 -10.34
N ALA B 44 -2.71 44.09 -11.39
CA ALA B 44 -1.34 43.58 -11.25
C ALA B 44 -0.40 44.77 -11.05
N ASP B 45 -0.48 45.35 -9.85
CA ASP B 45 0.39 46.48 -9.50
C ASP B 45 1.81 46.03 -9.20
N ALA B 46 1.97 45.20 -8.17
CA ALA B 46 3.27 44.67 -7.79
C ALA B 46 3.11 43.19 -7.50
N THR B 47 3.98 42.38 -8.10
CA THR B 47 3.87 40.94 -7.92
C THR B 47 4.14 40.56 -6.47
N LEU B 48 3.71 39.35 -6.12
CA LEU B 48 3.94 38.85 -4.77
C LEU B 48 5.42 38.84 -4.41
N SER B 49 6.29 38.58 -5.37
CA SER B 49 7.73 38.55 -5.09
C SER B 49 8.27 39.94 -4.79
N GLN B 50 7.69 40.99 -5.37
CA GLN B 50 8.16 42.34 -5.09
C GLN B 50 7.79 42.80 -3.70
N ILE B 51 6.66 42.34 -3.17
CA ILE B 51 6.24 42.76 -1.84
C ILE B 51 6.84 41.90 -0.74
N THR B 52 7.19 40.65 -1.05
CA THR B 52 7.83 39.76 -0.09
C THR B 52 9.36 39.75 -0.24
N ASN B 53 9.93 40.81 -0.80
CA ASN B 53 11.38 40.88 -0.93
C ASN B 53 12.07 41.17 0.40
N ASN B 54 11.34 41.63 1.41
CA ASN B 54 11.97 42.07 2.64
C ASN B 54 11.70 41.14 3.83
N ILE B 55 10.76 40.20 3.72
CA ILE B 55 10.54 39.28 4.83
C ILE B 55 11.72 38.33 4.92
N ASP B 56 12.09 37.97 6.15
CA ASP B 56 13.16 37.02 6.35
C ASP B 56 12.78 35.68 5.75
N PRO B 57 13.53 35.14 4.79
CA PRO B 57 13.19 33.83 4.23
C PRO B 57 13.37 32.74 5.27
N VAL B 58 12.54 31.70 5.14
CA VAL B 58 12.72 30.52 5.97
C VAL B 58 14.00 29.82 5.55
N GLY B 59 14.78 29.37 6.54
CA GLY B 59 16.11 28.90 6.27
C GLY B 59 16.21 27.61 5.50
N ARG B 60 15.83 26.50 6.15
CA ARG B 60 15.79 25.20 5.49
C ARG B 60 14.78 24.35 6.26
N ILE B 61 13.58 24.21 5.70
CA ILE B 61 12.56 23.44 6.39
C ILE B 61 12.90 21.96 6.26
N GLN B 62 13.51 21.41 7.30
CA GLN B 62 14.07 20.07 7.28
C GLN B 62 13.13 19.24 8.13
N MET B 63 12.08 18.74 7.51
CA MET B 63 11.23 17.73 8.11
C MET B 63 11.92 16.37 8.10
N ARG B 64 11.52 15.51 9.03
CA ARG B 64 12.02 14.15 9.11
C ARG B 64 10.84 13.21 9.22
N THR B 65 10.99 12.03 8.61
CA THR B 65 9.94 11.02 8.64
C THR B 65 9.76 10.56 10.08
N ARG B 66 8.68 10.99 10.72
CA ARG B 66 8.42 10.55 12.08
C ARG B 66 7.76 9.18 12.11
N ARG B 67 6.78 8.95 11.25
CA ARG B 67 6.14 7.66 11.14
C ARG B 67 6.14 7.25 9.68
N THR B 68 6.19 5.93 9.45
CA THR B 68 5.98 5.37 8.13
C THR B 68 4.80 4.43 8.24
N LEU B 69 3.76 4.69 7.47
CA LEU B 69 2.54 3.90 7.51
C LEU B 69 2.66 2.79 6.48
N ARG B 70 2.89 1.58 6.95
CA ARG B 70 3.05 0.40 6.11
C ARG B 70 1.83 -0.49 6.24
N GLY B 71 1.41 -1.08 5.13
CA GLY B 71 0.20 -1.88 5.14
C GLY B 71 -0.59 -1.80 3.85
N HIS B 72 -0.33 -0.79 3.04
CA HIS B 72 -0.86 -0.77 1.69
C HIS B 72 0.05 -1.61 0.80
N LEU B 73 -0.55 -2.35 -0.12
CA LEU B 73 0.18 -3.29 -0.96
C LEU B 73 0.03 -2.94 -2.44
N ALA B 74 -0.19 -1.67 -2.72
CA ALA B 74 -0.28 -1.15 -4.08
C ALA B 74 -0.04 0.35 -4.02
N LYS B 75 -0.20 1.02 -5.15
CA LYS B 75 0.01 2.46 -5.18
C LYS B 75 -1.05 3.15 -4.34
N ILE B 76 -0.60 4.03 -3.45
CA ILE B 76 -1.53 4.90 -2.73
C ILE B 76 -1.85 6.09 -3.61
N TYR B 77 -3.13 6.31 -3.84
CA TYR B 77 -3.56 7.44 -4.67
C TYR B 77 -4.01 8.64 -3.86
N ALA B 78 -4.70 8.42 -2.76
CA ALA B 78 -5.21 9.53 -1.97
C ALA B 78 -4.99 9.25 -0.50
N MET B 79 -4.76 10.32 0.26
CA MET B 79 -4.94 10.32 1.69
C MET B 79 -5.68 11.57 2.09
N HIS B 80 -6.37 11.50 3.23
CA HIS B 80 -6.96 12.70 3.83
C HIS B 80 -6.81 12.65 5.33
N TRP B 81 -6.25 13.70 5.91
CA TRP B 81 -6.09 13.81 7.34
C TRP B 81 -7.44 13.97 8.03
N GLY B 82 -7.54 13.44 9.24
CA GLY B 82 -8.65 13.77 10.09
C GLY B 82 -8.56 15.18 10.64
N THR B 83 -9.71 15.71 11.05
CA THR B 83 -9.73 17.02 11.68
C THR B 83 -9.11 16.98 13.08
N ASP B 84 -9.08 15.80 13.70
CA ASP B 84 -8.40 15.64 14.98
C ASP B 84 -6.88 15.65 14.82
N SER B 85 -6.38 15.67 13.59
CA SER B 85 -4.96 15.72 13.25
C SER B 85 -4.20 14.48 13.71
N ARG B 86 -4.92 13.43 14.04
CA ARG B 86 -4.33 12.18 14.47
C ARG B 86 -4.71 11.01 13.57
N LEU B 87 -5.97 10.92 13.19
CA LEU B 87 -6.41 9.90 12.25
C LEU B 87 -6.25 10.42 10.83
N LEU B 88 -5.95 9.49 9.93
CA LEU B 88 -5.95 9.80 8.51
C LEU B 88 -6.41 8.56 7.77
N VAL B 89 -7.07 8.77 6.65
CA VAL B 89 -7.49 7.69 5.77
C VAL B 89 -6.63 7.75 4.51
N SER B 90 -6.22 6.58 4.03
CA SER B 90 -5.48 6.47 2.79
C SER B 90 -6.23 5.54 1.85
N ALA B 91 -6.13 5.84 0.55
CA ALA B 91 -6.76 5.04 -0.50
C ALA B 91 -5.68 4.44 -1.36
N SER B 92 -5.77 3.14 -1.57
CA SER B 92 -4.78 2.42 -2.38
C SER B 92 -5.49 1.58 -3.44
N GLN B 93 -4.77 1.35 -4.53
CA GLN B 93 -5.30 0.51 -5.60
C GLN B 93 -5.42 -0.94 -5.18
N ASP B 94 -4.89 -1.32 -4.02
CA ASP B 94 -5.12 -2.67 -3.51
C ASP B 94 -6.55 -2.88 -3.04
N GLY B 95 -7.42 -1.91 -3.26
CA GLY B 95 -8.81 -2.02 -2.87
C GLY B 95 -9.10 -1.79 -1.42
N LYS B 96 -8.18 -1.18 -0.69
CA LYS B 96 -8.30 -0.98 0.75
C LYS B 96 -8.33 0.49 1.07
N LEU B 97 -9.31 0.89 1.85
CA LEU B 97 -9.33 2.18 2.52
C LEU B 97 -8.89 1.94 3.95
N ILE B 98 -7.73 2.45 4.32
CA ILE B 98 -7.15 2.21 5.64
C ILE B 98 -7.19 3.51 6.42
N ILE B 99 -7.69 3.45 7.64
CA ILE B 99 -7.66 4.58 8.55
C ILE B 99 -6.53 4.35 9.54
N TRP B 100 -5.63 5.31 9.63
CA TRP B 100 -4.40 5.17 10.41
C TRP B 100 -4.48 6.01 11.67
N ASP B 101 -4.00 5.46 12.77
CA ASP B 101 -3.66 6.26 13.93
C ASP B 101 -2.23 6.73 13.72
N SER B 102 -2.08 7.95 13.21
CA SER B 102 -0.75 8.42 12.81
C SER B 102 0.19 8.58 14.00
N TYR B 103 -0.34 8.74 15.21
CA TYR B 103 0.53 8.85 16.38
C TYR B 103 1.20 7.52 16.68
N THR B 104 0.44 6.43 16.63
CA THR B 104 0.93 5.10 16.98
C THR B 104 1.19 4.22 15.77
N THR B 105 0.89 4.69 14.56
CA THR B 105 0.90 3.91 13.33
C THR B 105 -0.09 2.76 13.37
N ASN B 106 -1.05 2.78 14.29
CA ASN B 106 -2.04 1.73 14.36
C ASN B 106 -3.01 1.87 13.20
N LYS B 107 -3.48 0.73 12.69
CA LYS B 107 -4.51 0.73 11.67
C LYS B 107 -5.85 0.64 12.39
N VAL B 108 -6.60 1.74 12.36
CA VAL B 108 -7.89 1.79 13.03
C VAL B 108 -8.91 0.97 12.25
N HIS B 109 -8.98 1.20 10.94
CA HIS B 109 -9.86 0.45 10.07
C HIS B 109 -9.12 0.11 8.79
N ALA B 110 -9.51 -1.02 8.19
CA ALA B 110 -9.08 -1.37 6.84
C ALA B 110 -10.36 -1.68 6.08
N ILE B 111 -10.82 -0.73 5.26
CA ILE B 111 -12.10 -0.82 4.58
C ILE B 111 -11.87 -1.46 3.22
N PRO B 112 -12.43 -2.64 2.94
CA PRO B 112 -12.33 -3.22 1.61
C PRO B 112 -13.29 -2.53 0.65
N LEU B 113 -12.75 -1.94 -0.40
CA LEU B 113 -13.57 -1.26 -1.39
C LEU B 113 -14.16 -2.24 -2.39
N ARG B 114 -15.35 -1.91 -2.87
CA ARG B 114 -15.98 -2.71 -3.92
C ARG B 114 -15.22 -2.60 -5.23
N SER B 115 -14.69 -1.42 -5.52
CA SER B 115 -13.83 -1.18 -6.67
C SER B 115 -12.44 -0.82 -6.17
N SER B 116 -11.44 -1.60 -6.58
CA SER B 116 -10.08 -1.32 -6.16
C SER B 116 -9.50 -0.09 -6.84
N TRP B 117 -10.18 0.44 -7.85
CA TRP B 117 -9.66 1.55 -8.65
C TRP B 117 -10.02 2.90 -8.03
N VAL B 118 -9.66 3.04 -6.77
CA VAL B 118 -9.93 4.27 -6.03
C VAL B 118 -8.79 5.23 -6.29
N MET B 119 -9.13 6.48 -6.57
CA MET B 119 -8.11 7.51 -6.70
C MET B 119 -8.37 8.74 -5.86
N THR B 120 -9.43 8.74 -5.05
CA THR B 120 -9.67 9.82 -4.11
C THR B 120 -10.24 9.23 -2.82
N CYS B 121 -9.95 9.92 -1.71
CA CYS B 121 -10.54 9.59 -0.44
C CYS B 121 -10.68 10.85 0.38
N ALA B 122 -11.79 10.97 1.11
CA ALA B 122 -12.06 12.12 1.95
C ALA B 122 -12.44 11.60 3.32
N TYR B 123 -11.92 12.24 4.35
CA TYR B 123 -12.30 11.94 5.71
C TYR B 123 -13.29 13.02 6.13
N ALA B 124 -14.46 12.63 6.61
CA ALA B 124 -15.45 13.62 7.01
C ALA B 124 -14.92 14.44 8.19
N PRO B 125 -15.22 15.75 8.21
CA PRO B 125 -14.74 16.57 9.33
C PRO B 125 -15.21 16.10 10.68
N SER B 126 -16.42 15.54 10.76
CA SER B 126 -16.89 14.97 12.01
C SER B 126 -16.13 13.70 12.38
N GLY B 127 -15.56 13.01 11.39
CA GLY B 127 -14.89 11.76 11.62
C GLY B 127 -15.80 10.55 11.54
N ASN B 128 -17.10 10.75 11.37
CA ASN B 128 -18.05 9.65 11.33
C ASN B 128 -18.08 8.95 9.98
N TYR B 129 -17.53 9.58 8.96
CA TYR B 129 -17.63 9.04 7.60
C TYR B 129 -16.30 9.19 6.91
N VAL B 130 -16.08 8.30 5.95
CA VAL B 130 -15.00 8.44 4.98
C VAL B 130 -15.61 8.21 3.60
N ALA B 131 -15.03 8.87 2.61
CA ALA B 131 -15.46 8.70 1.23
C ALA B 131 -14.30 8.22 0.38
N CYS B 132 -14.63 7.54 -0.70
CA CYS B 132 -13.64 7.11 -1.67
C CYS B 132 -14.34 6.94 -3.00
N GLY B 133 -13.54 6.89 -4.06
CA GLY B 133 -14.08 6.72 -5.38
C GLY B 133 -12.96 6.74 -6.39
N GLY B 134 -13.33 6.46 -7.63
CA GLY B 134 -12.35 6.35 -8.69
C GLY B 134 -12.97 5.93 -9.99
N LEU B 135 -12.37 4.93 -10.64
CA LEU B 135 -12.80 4.51 -11.96
C LEU B 135 -14.19 3.90 -11.99
N ASP B 136 -14.78 3.58 -10.83
CA ASP B 136 -16.15 3.11 -10.78
C ASP B 136 -17.17 4.23 -10.98
N ASN B 137 -16.73 5.49 -11.02
CA ASN B 137 -17.58 6.66 -11.19
C ASN B 137 -18.52 6.89 -10.02
N ILE B 138 -18.20 6.35 -8.84
CA ILE B 138 -19.08 6.41 -7.68
C ILE B 138 -18.30 7.01 -6.53
N CYS B 139 -18.95 7.86 -5.75
CA CYS B 139 -18.45 8.27 -4.45
C CYS B 139 -19.10 7.39 -3.41
N SER B 140 -18.32 6.50 -2.82
CA SER B 140 -18.82 5.61 -1.79
C SER B 140 -18.59 6.26 -0.44
N ILE B 141 -19.67 6.45 0.31
CA ILE B 141 -19.61 7.01 1.66
C ILE B 141 -19.62 5.84 2.64
N TYR B 142 -18.65 5.81 3.54
CA TYR B 142 -18.49 4.75 4.50
C TYR B 142 -18.75 5.27 5.89
N ASN B 143 -19.66 4.62 6.61
CA ASN B 143 -19.96 4.99 7.99
C ASN B 143 -18.91 4.34 8.89
N LEU B 144 -18.03 5.16 9.47
CA LEU B 144 -16.99 4.64 10.35
C LEU B 144 -17.50 4.30 11.74
N LYS B 145 -18.65 4.83 12.12
CA LYS B 145 -19.15 4.73 13.48
C LYS B 145 -20.57 4.19 13.42
N THR B 146 -20.67 2.86 13.40
CA THR B 146 -21.93 2.15 13.35
C THR B 146 -22.09 1.35 14.64
N ARG B 147 -23.33 0.97 14.94
CA ARG B 147 -23.57 0.11 16.08
C ARG B 147 -22.85 -1.22 15.92
N GLU B 148 -22.94 -1.80 14.73
CA GLU B 148 -22.05 -2.89 14.35
C GLU B 148 -20.63 -2.35 14.27
N GLY B 149 -19.66 -3.16 14.66
CA GLY B 149 -18.32 -2.64 14.74
C GLY B 149 -17.57 -2.54 13.43
N ASN B 150 -18.23 -2.80 12.31
CA ASN B 150 -17.60 -2.75 11.01
C ASN B 150 -17.94 -1.43 10.30
N VAL B 151 -17.03 -1.00 9.44
CA VAL B 151 -17.31 0.14 8.57
C VAL B 151 -18.05 -0.38 7.35
N ARG B 152 -19.24 0.18 7.10
CA ARG B 152 -20.02 -0.19 5.94
C ARG B 152 -20.23 0.99 5.02
N VAL B 153 -20.57 0.68 3.77
CA VAL B 153 -20.95 1.68 2.79
C VAL B 153 -22.31 2.26 3.20
N SER B 154 -22.32 3.53 3.61
CA SER B 154 -23.60 4.14 3.95
C SER B 154 -24.34 4.60 2.71
N ARG B 155 -23.60 5.14 1.74
CA ARG B 155 -24.20 5.63 0.51
C ARG B 155 -23.20 5.49 -0.62
N GLU B 156 -23.68 5.12 -1.80
CA GLU B 156 -22.90 5.15 -3.03
C GLU B 156 -23.48 6.22 -3.93
N LEU B 157 -22.67 7.24 -4.21
CA LEU B 157 -23.13 8.40 -4.96
C LEU B 157 -22.83 8.18 -6.42
N ALA B 158 -23.86 7.78 -7.17
CA ALA B 158 -23.76 7.54 -8.59
C ALA B 158 -24.37 8.71 -9.35
N GLY B 159 -23.86 8.95 -10.55
CA GLY B 159 -24.34 10.05 -11.35
C GLY B 159 -23.24 10.72 -12.15
N HIS B 160 -22.02 10.65 -11.63
CA HIS B 160 -20.87 11.03 -12.43
C HIS B 160 -20.65 10.03 -13.56
N THR B 161 -20.39 10.53 -14.75
CA THR B 161 -20.14 9.67 -15.90
C THR B 161 -18.66 9.48 -16.18
N GLY B 162 -17.79 10.07 -15.36
CA GLY B 162 -16.37 9.81 -15.41
C GLY B 162 -15.85 9.43 -14.04
N TYR B 163 -14.57 9.06 -14.01
CA TYR B 163 -13.95 8.67 -12.75
C TYR B 163 -14.00 9.84 -11.78
N LEU B 164 -14.20 9.54 -10.50
CA LEU B 164 -14.07 10.56 -9.47
C LEU B 164 -12.62 10.76 -9.12
N SER B 165 -12.16 12.01 -9.23
CA SER B 165 -10.78 12.34 -8.96
C SER B 165 -10.56 13.04 -7.62
N CYS B 166 -11.60 13.66 -7.07
CA CYS B 166 -11.52 14.23 -5.74
C CYS B 166 -12.90 14.20 -5.12
N CYS B 167 -12.94 14.12 -3.80
CA CYS B 167 -14.17 14.28 -3.04
C CYS B 167 -13.80 14.94 -1.72
N ARG B 168 -14.66 15.84 -1.25
CA ARG B 168 -14.45 16.50 0.03
C ARG B 168 -15.80 16.68 0.71
N PHE B 169 -15.91 16.24 1.95
CA PHE B 169 -17.11 16.48 2.73
C PHE B 169 -17.22 17.94 3.11
N LEU B 170 -18.41 18.52 2.91
CA LEU B 170 -18.73 19.77 3.60
C LEU B 170 -19.18 19.51 5.02
N ASP B 171 -20.01 18.49 5.21
CA ASP B 171 -20.47 18.03 6.51
C ASP B 171 -20.86 16.57 6.37
N ASP B 172 -21.56 16.04 7.37
CA ASP B 172 -21.96 14.64 7.32
C ASP B 172 -22.98 14.34 6.23
N ASN B 173 -23.69 15.35 5.73
CA ASN B 173 -24.70 15.14 4.71
C ASN B 173 -24.35 15.69 3.35
N GLN B 174 -23.29 16.49 3.23
CA GLN B 174 -22.94 17.11 1.98
C GLN B 174 -21.50 16.78 1.63
N ILE B 175 -21.28 16.36 0.39
CA ILE B 175 -19.95 16.08 -0.12
C ILE B 175 -19.85 16.62 -1.54
N VAL B 176 -18.73 17.25 -1.85
CA VAL B 176 -18.46 17.75 -3.19
C VAL B 176 -17.50 16.78 -3.85
N THR B 177 -17.82 16.36 -5.07
CA THR B 177 -16.98 15.46 -5.83
C THR B 177 -16.58 16.13 -7.14
N SER B 178 -15.39 15.81 -7.61
CA SER B 178 -14.94 16.18 -8.94
C SER B 178 -14.75 14.91 -9.76
N SER B 179 -15.02 15.01 -11.06
CA SER B 179 -15.01 13.83 -11.90
C SER B 179 -14.29 14.07 -13.21
N GLY B 180 -13.86 12.98 -13.82
CA GLY B 180 -13.41 12.96 -15.18
C GLY B 180 -14.49 13.21 -16.20
N ASP B 181 -15.75 13.31 -15.77
CA ASP B 181 -16.80 13.74 -16.68
C ASP B 181 -16.82 15.25 -16.87
N THR B 182 -15.76 15.94 -16.44
CA THR B 182 -15.53 17.38 -16.56
C THR B 182 -16.41 18.20 -15.64
N THR B 183 -17.23 17.57 -14.79
CA THR B 183 -18.12 18.29 -13.89
C THR B 183 -17.75 18.00 -12.45
N CYS B 184 -18.10 18.93 -11.58
CA CYS B 184 -18.12 18.71 -10.14
C CYS B 184 -19.57 18.59 -9.70
N ALA B 185 -19.77 17.91 -8.57
CA ALA B 185 -21.12 17.72 -8.07
C ALA B 185 -21.16 17.97 -6.57
N LEU B 186 -22.26 18.54 -6.11
CA LEU B 186 -22.59 18.60 -4.70
C LEU B 186 -23.66 17.56 -4.44
N TRP B 187 -23.49 16.77 -3.40
CA TRP B 187 -24.39 15.66 -3.13
C TRP B 187 -25.05 15.84 -1.78
N ASP B 188 -26.31 15.43 -1.71
CA ASP B 188 -26.97 15.18 -0.43
C ASP B 188 -26.81 13.69 -0.14
N ILE B 189 -26.05 13.36 0.90
CA ILE B 189 -25.71 11.97 1.15
C ILE B 189 -26.94 11.17 1.57
N GLU B 190 -27.83 11.78 2.34
CA GLU B 190 -29.04 11.07 2.78
C GLU B 190 -29.90 10.65 1.60
N THR B 191 -30.11 11.54 0.64
CA THR B 191 -30.87 11.19 -0.54
C THR B 191 -30.01 10.53 -1.61
N GLY B 192 -28.70 10.66 -1.52
CA GLY B 192 -27.80 10.12 -2.52
C GLY B 192 -27.98 10.76 -3.88
N GLN B 193 -28.41 12.02 -3.90
CA GLN B 193 -28.70 12.72 -5.13
C GLN B 193 -27.81 13.94 -5.26
N GLN B 194 -27.55 14.32 -6.51
CA GLN B 194 -26.75 15.50 -6.80
C GLN B 194 -27.59 16.74 -6.50
N THR B 195 -27.26 17.42 -5.41
CA THR B 195 -27.94 18.69 -5.12
C THR B 195 -27.59 19.74 -6.15
N THR B 196 -26.31 19.85 -6.48
CA THR B 196 -25.83 20.79 -7.48
C THR B 196 -24.83 20.07 -8.38
N THR B 197 -24.85 20.40 -9.66
CA THR B 197 -23.84 19.96 -10.60
C THR B 197 -23.06 21.18 -11.06
N PHE B 198 -21.74 21.11 -10.96
CA PHE B 198 -20.88 22.25 -11.28
C PHE B 198 -20.23 21.97 -12.62
N THR B 199 -20.87 22.44 -13.67
CA THR B 199 -20.39 22.29 -15.04
C THR B 199 -19.69 23.57 -15.48
N GLY B 200 -18.78 23.41 -16.43
CA GLY B 200 -18.05 24.54 -16.96
C GLY B 200 -16.62 24.19 -17.31
N HIS B 201 -16.10 23.13 -16.73
CA HIS B 201 -14.80 22.62 -17.12
C HIS B 201 -14.93 21.86 -18.43
N THR B 202 -13.92 22.01 -19.28
CA THR B 202 -13.85 21.24 -20.52
C THR B 202 -12.94 20.04 -20.42
N GLY B 203 -11.89 20.12 -19.59
CA GLY B 203 -11.07 18.98 -19.30
C GLY B 203 -11.56 18.21 -18.09
N ASP B 204 -10.92 17.08 -17.84
CA ASP B 204 -11.29 16.24 -16.71
C ASP B 204 -10.96 16.98 -15.42
N VAL B 205 -11.93 17.09 -14.51
CA VAL B 205 -11.67 17.78 -13.24
C VAL B 205 -10.89 16.84 -12.34
N MET B 206 -9.72 17.27 -11.90
CA MET B 206 -8.80 16.39 -11.20
C MET B 206 -8.74 16.61 -9.69
N SER B 207 -9.00 17.81 -9.20
CA SER B 207 -8.85 18.06 -7.78
C SER B 207 -9.94 19.00 -7.28
N LEU B 208 -10.15 18.97 -5.96
CA LEU B 208 -11.02 19.89 -5.25
C LEU B 208 -10.33 20.43 -4.01
N SER B 209 -10.72 21.64 -3.63
CA SER B 209 -10.37 22.19 -2.33
C SER B 209 -11.56 23.00 -1.85
N LEU B 210 -12.12 22.65 -0.70
CA LEU B 210 -13.13 23.48 -0.08
C LEU B 210 -12.49 24.64 0.67
N ALA B 211 -13.18 25.78 0.69
CA ALA B 211 -12.75 26.88 1.51
C ALA B 211 -12.93 26.51 2.98
N PRO B 212 -12.16 27.14 3.87
CA PRO B 212 -12.35 26.86 5.30
C PRO B 212 -13.77 27.10 5.77
N ASP B 213 -14.42 28.13 5.24
CA ASP B 213 -15.84 28.37 5.50
C ASP B 213 -16.75 27.42 4.73
N THR B 214 -16.22 26.66 3.78
CA THR B 214 -16.95 25.64 3.02
C THR B 214 -18.16 26.22 2.27
N ARG B 215 -18.17 27.52 2.04
CA ARG B 215 -19.21 28.15 1.24
C ARG B 215 -18.89 28.16 -0.24
N LEU B 216 -17.67 27.78 -0.60
CA LEU B 216 -17.16 27.86 -1.96
C LEU B 216 -15.90 27.02 -2.08
N PHE B 217 -15.72 26.42 -3.26
CA PHE B 217 -14.60 25.52 -3.50
C PHE B 217 -13.96 25.81 -4.86
N VAL B 218 -12.68 25.50 -4.97
CA VAL B 218 -11.94 25.60 -6.23
C VAL B 218 -11.69 24.19 -6.76
N SER B 219 -11.84 24.04 -8.08
CA SER B 219 -11.55 22.79 -8.76
C SER B 219 -10.55 23.04 -9.86
N GLY B 220 -9.57 22.14 -9.99
CA GLY B 220 -8.58 22.19 -11.04
C GLY B 220 -8.79 21.03 -12.00
N ALA B 221 -8.77 21.34 -13.29
CA ALA B 221 -9.13 20.36 -14.30
C ALA B 221 -8.03 20.20 -15.32
N CYS B 222 -8.24 19.23 -16.22
CA CYS B 222 -7.31 18.95 -17.31
C CYS B 222 -7.31 20.04 -18.36
N ASP B 223 -8.27 20.94 -18.35
CA ASP B 223 -8.25 22.09 -19.24
C ASP B 223 -7.24 23.13 -18.81
N ALA B 224 -6.37 22.78 -17.87
CA ALA B 224 -5.32 23.66 -17.34
C ALA B 224 -5.89 24.88 -16.64
N SER B 225 -7.14 24.81 -16.19
CA SER B 225 -7.78 25.92 -15.54
C SER B 225 -8.30 25.51 -14.18
N ALA B 226 -8.32 26.47 -13.27
CA ALA B 226 -8.95 26.31 -11.96
C ALA B 226 -10.18 27.19 -11.94
N LYS B 227 -11.30 26.63 -11.53
CA LYS B 227 -12.56 27.35 -11.48
C LYS B 227 -13.01 27.46 -10.04
N LEU B 228 -13.44 28.65 -9.65
CA LEU B 228 -13.96 28.88 -8.32
C LEU B 228 -15.47 28.77 -8.36
N TRP B 229 -16.04 27.96 -7.48
CA TRP B 229 -17.45 27.64 -7.48
C TRP B 229 -18.11 28.09 -6.19
N ASP B 230 -19.31 28.65 -6.30
CA ASP B 230 -20.16 28.82 -5.13
C ASP B 230 -20.92 27.54 -4.85
N VAL B 231 -20.86 27.07 -3.62
CA VAL B 231 -21.46 25.79 -3.26
C VAL B 231 -22.97 25.88 -3.32
N ARG B 232 -23.54 26.93 -2.74
CA ARG B 232 -25.00 27.05 -2.70
C ARG B 232 -25.56 27.50 -4.05
N GLU B 233 -24.99 28.56 -4.63
CA GLU B 233 -25.48 29.04 -5.92
C GLU B 233 -25.28 28.02 -7.01
N GLY B 234 -24.15 27.30 -6.99
CA GLY B 234 -23.87 26.30 -7.99
C GLY B 234 -23.27 26.83 -9.27
N MET B 235 -22.68 28.02 -9.24
CA MET B 235 -22.15 28.67 -10.41
C MET B 235 -20.66 28.94 -10.23
N CYS B 236 -19.96 29.05 -11.35
CA CYS B 236 -18.53 29.31 -11.34
C CYS B 236 -18.30 30.81 -11.20
N ARG B 237 -17.82 31.22 -10.02
CA ARG B 237 -17.53 32.64 -9.79
C ARG B 237 -16.37 33.11 -10.66
N GLN B 238 -15.25 32.39 -10.63
CA GLN B 238 -14.04 32.82 -11.30
C GLN B 238 -13.37 31.63 -11.95
N THR B 239 -12.61 31.91 -13.01
CA THR B 239 -11.80 30.91 -13.69
C THR B 239 -10.36 31.40 -13.71
N PHE B 240 -9.43 30.52 -13.35
CA PHE B 240 -8.03 30.87 -13.22
C PHE B 240 -7.23 30.06 -14.22
N THR B 241 -6.41 30.73 -15.03
CA THR B 241 -5.70 30.10 -16.14
C THR B 241 -4.28 30.64 -16.17
N GLY B 242 -3.36 29.90 -15.56
CA GLY B 242 -1.96 30.22 -15.69
C GLY B 242 -1.13 29.02 -16.09
N HIS B 243 -1.68 27.83 -15.90
CA HIS B 243 -0.94 26.60 -16.10
C HIS B 243 -0.92 26.22 -17.57
N GLU B 244 0.21 25.63 -18.01
CA GLU B 244 0.33 25.13 -19.37
C GLU B 244 -0.13 23.69 -19.53
N SER B 245 -0.42 22.97 -18.45
CA SER B 245 -0.82 21.58 -18.57
C SER B 245 -1.86 21.26 -17.51
N ASP B 246 -2.20 19.98 -17.42
CA ASP B 246 -3.32 19.52 -16.60
C ASP B 246 -3.06 19.82 -15.14
N ILE B 247 -4.05 20.43 -14.47
CA ILE B 247 -3.94 20.70 -13.05
C ILE B 247 -4.38 19.46 -12.27
N ASN B 248 -3.45 18.89 -11.52
CA ASN B 248 -3.71 17.68 -10.74
C ASN B 248 -4.08 17.94 -9.31
N ALA B 249 -3.58 19.02 -8.72
CA ALA B 249 -3.72 19.29 -7.30
C ALA B 249 -4.15 20.73 -7.07
N ILE B 250 -5.06 20.94 -6.11
CA ILE B 250 -5.50 22.29 -5.78
C ILE B 250 -5.77 22.35 -4.28
N CYS B 251 -5.45 23.49 -3.67
CA CYS B 251 -5.60 23.68 -2.24
C CYS B 251 -5.76 25.16 -1.94
N PHE B 252 -6.80 25.53 -1.19
CA PHE B 252 -6.85 26.89 -0.64
C PHE B 252 -5.73 27.20 0.33
N PHE B 253 -5.32 28.46 0.30
CA PHE B 253 -4.59 29.09 1.38
C PHE B 253 -5.43 29.02 2.65
N PRO B 254 -4.79 28.94 3.82
CA PRO B 254 -5.55 28.75 5.06
C PRO B 254 -6.64 29.79 5.32
N ASN B 255 -6.52 31.01 4.80
CA ASN B 255 -7.55 32.01 5.01
C ASN B 255 -8.65 31.97 3.96
N GLY B 256 -8.52 31.14 2.92
CA GLY B 256 -9.54 31.00 1.92
C GLY B 256 -9.58 32.09 0.89
N ASN B 257 -8.65 33.04 0.92
CA ASN B 257 -8.59 34.11 -0.06
C ASN B 257 -7.62 33.81 -1.19
N ALA B 258 -6.94 32.68 -1.14
CA ALA B 258 -6.04 32.28 -2.20
C ALA B 258 -6.06 30.76 -2.29
N PHE B 259 -5.49 30.24 -3.37
CA PHE B 259 -5.33 28.80 -3.49
C PHE B 259 -4.12 28.52 -4.36
N ALA B 260 -3.57 27.32 -4.20
CA ALA B 260 -2.43 26.89 -4.97
C ALA B 260 -2.82 25.69 -5.81
N THR B 261 -2.34 25.67 -7.05
CA THR B 261 -2.60 24.58 -7.97
C THR B 261 -1.31 23.81 -8.24
N GLY B 262 -1.46 22.53 -8.52
CA GLY B 262 -0.35 21.70 -8.93
C GLY B 262 -0.66 20.98 -10.22
N SER B 263 0.13 21.22 -11.26
CA SER B 263 -0.18 20.71 -12.57
C SER B 263 0.96 19.86 -13.11
N ASP B 264 0.71 19.28 -14.28
CA ASP B 264 1.67 18.41 -14.95
C ASP B 264 2.82 19.17 -15.59
N ASP B 265 2.72 20.49 -15.70
CA ASP B 265 3.77 21.30 -16.29
C ASP B 265 4.89 21.64 -15.31
N ALA B 266 5.01 20.87 -14.22
CA ALA B 266 6.07 21.00 -13.23
C ALA B 266 6.03 22.33 -12.48
N THR B 267 4.90 23.01 -12.46
CA THR B 267 4.78 24.28 -11.78
C THR B 267 3.63 24.23 -10.78
N CYS B 268 3.81 24.96 -9.69
CA CYS B 268 2.73 25.29 -8.76
C CYS B 268 2.44 26.77 -8.90
N ARG B 269 1.17 27.13 -8.85
CA ARG B 269 0.77 28.52 -8.99
C ARG B 269 -0.16 28.89 -7.86
N LEU B 270 0.00 30.10 -7.34
CA LEU B 270 -0.87 30.63 -6.30
C LEU B 270 -1.78 31.66 -6.95
N PHE B 271 -3.08 31.44 -6.83
CA PHE B 271 -4.09 32.35 -7.37
C PHE B 271 -4.84 32.99 -6.21
N ASP B 272 -4.96 34.31 -6.25
CA ASP B 272 -5.79 35.01 -5.28
C ASP B 272 -7.22 35.08 -5.77
N LEU B 273 -8.17 34.86 -4.87
CA LEU B 273 -9.58 34.94 -5.24
C LEU B 273 -9.97 36.37 -5.55
N ARG B 274 -9.60 37.31 -4.66
CA ARG B 274 -10.01 38.70 -4.82
C ARG B 274 -9.26 39.37 -5.96
N ALA B 275 -7.95 39.17 -6.04
CA ALA B 275 -7.18 39.71 -7.15
C ALA B 275 -7.51 39.00 -8.45
N ASP B 276 -8.06 37.79 -8.38
CA ASP B 276 -8.59 37.06 -9.54
C ASP B 276 -7.49 36.79 -10.57
N GLN B 277 -6.30 36.44 -10.09
CA GLN B 277 -5.19 36.11 -10.98
C GLN B 277 -4.11 35.42 -10.19
N GLU B 278 -3.14 34.86 -10.92
CA GLU B 278 -2.02 34.19 -10.31
C GLU B 278 -1.11 35.19 -9.63
N LEU B 279 -0.73 34.90 -8.38
CA LEU B 279 0.17 35.76 -7.64
C LEU B 279 1.60 35.25 -7.62
N MET B 280 1.81 33.94 -7.73
CA MET B 280 3.15 33.39 -7.63
C MET B 280 3.19 32.06 -8.37
N THR B 281 4.36 31.73 -8.89
CA THR B 281 4.62 30.43 -9.50
C THR B 281 5.74 29.73 -8.75
N TYR B 282 5.53 28.46 -8.42
CA TYR B 282 6.49 27.67 -7.67
C TYR B 282 7.05 26.61 -8.62
N SER B 283 8.15 26.97 -9.29
CA SER B 283 8.78 26.11 -10.27
C SER B 283 10.28 26.16 -10.08
N HIS B 284 10.95 25.11 -10.56
CA HIS B 284 12.41 25.05 -10.51
C HIS B 284 12.91 24.32 -11.74
N ASP B 285 14.04 24.78 -12.26
CA ASP B 285 14.60 24.20 -13.47
C ASP B 285 15.00 22.74 -13.27
N ASN B 286 15.28 22.34 -12.04
CA ASN B 286 15.60 20.95 -11.74
C ASN B 286 14.36 20.09 -11.54
N ILE B 287 13.18 20.69 -11.67
CA ILE B 287 11.91 19.95 -11.60
C ILE B 287 11.24 20.02 -12.96
N ILE B 288 10.98 18.86 -13.54
CA ILE B 288 10.35 18.77 -14.87
C ILE B 288 9.18 17.82 -14.79
N CYS B 289 9.09 17.06 -13.70
CA CYS B 289 8.01 16.11 -13.51
C CYS B 289 6.72 16.82 -13.13
N GLY B 290 5.61 16.11 -13.26
CA GLY B 290 4.34 16.66 -12.87
C GLY B 290 4.20 16.76 -11.37
N ILE B 291 3.14 17.44 -10.95
CA ILE B 291 2.85 17.66 -9.54
C ILE B 291 1.54 16.97 -9.22
N THR B 292 1.57 16.08 -8.22
CA THR B 292 0.42 15.26 -7.91
C THR B 292 -0.45 15.85 -6.82
N SER B 293 0.14 16.54 -5.86
CA SER B 293 -0.57 16.97 -4.67
C SER B 293 0.05 18.25 -4.14
N VAL B 294 -0.80 19.13 -3.61
CA VAL B 294 -0.36 20.35 -2.95
C VAL B 294 -1.09 20.49 -1.64
N SER B 295 -0.43 21.10 -0.67
CA SER B 295 -1.08 21.48 0.57
C SER B 295 -0.29 22.62 1.19
N PHE B 296 -0.96 23.36 2.07
CA PHE B 296 -0.35 24.48 2.78
C PHE B 296 -0.09 24.09 4.23
N SER B 297 0.94 24.69 4.82
CA SER B 297 1.09 24.63 6.26
C SER B 297 -0.01 25.45 6.93
N LYS B 298 -0.09 25.35 8.25
CA LYS B 298 -1.18 25.98 8.98
C LYS B 298 -1.21 27.49 8.78
N SER B 299 -0.05 28.14 8.86
CA SER B 299 0.03 29.56 8.57
C SER B 299 -0.03 29.86 7.09
N GLY B 300 0.16 28.86 6.25
CA GLY B 300 0.15 29.04 4.82
C GLY B 300 1.41 29.62 4.22
N ARG B 301 2.48 29.76 5.02
CA ARG B 301 3.73 30.22 4.43
C ARG B 301 4.46 29.10 3.70
N LEU B 302 4.16 27.85 4.00
CA LEU B 302 4.78 26.73 3.31
C LEU B 302 3.76 26.10 2.39
N LEU B 303 4.11 25.97 1.12
CA LEU B 303 3.34 25.20 0.17
C LEU B 303 4.09 23.90 -0.07
N LEU B 304 3.50 22.79 0.34
CA LEU B 304 4.11 21.48 0.17
C LEU B 304 3.51 20.82 -1.05
N ALA B 305 4.34 20.48 -2.02
CA ALA B 305 3.88 19.91 -3.28
C ALA B 305 4.52 18.55 -3.47
N GLY B 306 3.70 17.58 -3.89
CA GLY B 306 4.18 16.25 -4.20
C GLY B 306 4.41 16.11 -5.70
N TYR B 307 5.49 15.43 -6.06
CA TYR B 307 5.98 15.42 -7.42
C TYR B 307 6.07 13.99 -7.95
N ASP B 308 6.11 13.86 -9.27
CA ASP B 308 6.36 12.58 -9.91
C ASP B 308 7.77 12.08 -9.68
N ASP B 309 8.70 12.96 -9.35
CA ASP B 309 10.10 12.59 -9.18
C ASP B 309 10.38 12.01 -7.80
N PHE B 310 9.34 11.46 -7.19
CA PHE B 310 9.32 10.60 -6.01
C PHE B 310 9.42 11.36 -4.69
N ASN B 311 9.56 12.68 -4.68
CA ASN B 311 9.68 13.38 -3.42
C ASN B 311 8.70 14.55 -3.36
N CYS B 312 8.64 15.16 -2.19
CA CYS B 312 7.81 16.33 -1.92
C CYS B 312 8.71 17.54 -1.65
N ASN B 313 8.48 18.60 -2.39
CA ASN B 313 9.23 19.84 -2.23
C ASN B 313 8.41 20.82 -1.40
N VAL B 314 9.08 21.47 -0.45
CA VAL B 314 8.45 22.46 0.42
C VAL B 314 8.81 23.84 -0.10
N TRP B 315 7.79 24.65 -0.34
CA TRP B 315 7.94 25.94 -0.98
C TRP B 315 7.61 27.05 0.01
N ASP B 316 8.41 28.10 -0.01
CA ASP B 316 8.04 29.34 0.68
C ASP B 316 6.90 29.96 -0.12
N ALA B 317 5.68 29.83 0.39
CA ALA B 317 4.50 30.27 -0.36
C ALA B 317 4.52 31.76 -0.62
N LEU B 318 5.28 32.52 0.14
CA LEU B 318 5.36 33.97 -0.06
C LEU B 318 6.50 34.38 -0.97
N LYS B 319 7.62 33.67 -0.93
CA LYS B 319 8.81 34.04 -1.69
C LYS B 319 9.13 33.07 -2.82
N ALA B 320 8.33 32.02 -3.01
CA ALA B 320 8.51 31.04 -4.07
C ALA B 320 9.82 30.27 -3.92
N ASP B 321 10.55 30.53 -2.85
CA ASP B 321 11.79 29.81 -2.61
C ASP B 321 11.49 28.36 -2.23
N ARG B 322 12.33 27.45 -2.68
CA ARG B 322 12.17 26.04 -2.40
C ARG B 322 12.73 25.80 -1.00
N ALA B 323 11.83 25.86 -0.01
CA ALA B 323 12.25 25.85 1.39
C ALA B 323 12.88 24.53 1.77
N GLY B 324 12.32 23.41 1.35
CA GLY B 324 12.84 22.12 1.75
C GLY B 324 12.40 21.04 0.79
N VAL B 325 12.88 19.83 1.05
CA VAL B 325 12.54 18.65 0.27
C VAL B 325 12.14 17.55 1.23
N LEU B 326 11.15 16.76 0.84
CA LEU B 326 10.74 15.58 1.59
C LEU B 326 11.04 14.38 0.71
N ALA B 327 12.28 13.91 0.76
CA ALA B 327 12.69 12.70 0.08
C ALA B 327 12.56 11.52 1.01
N GLY B 328 12.28 10.36 0.45
CA GLY B 328 12.00 9.21 1.29
C GLY B 328 10.98 8.26 0.69
N HIS B 329 10.38 8.62 -0.42
CA HIS B 329 9.46 7.75 -1.12
C HIS B 329 10.15 7.16 -2.36
N ASP B 330 9.96 5.87 -2.57
CA ASP B 330 10.60 5.15 -3.67
C ASP B 330 9.82 5.26 -4.97
N ASN B 331 8.64 5.88 -4.95
CA ASN B 331 7.87 6.08 -6.15
C ASN B 331 7.23 7.46 -6.08
N ARG B 332 6.36 7.76 -7.03
CA ARG B 332 5.77 9.08 -7.14
C ARG B 332 4.94 9.40 -5.90
N VAL B 333 5.17 10.57 -5.32
CA VAL B 333 4.33 11.05 -4.23
C VAL B 333 2.97 11.44 -4.80
N SER B 334 1.97 10.61 -4.59
CA SER B 334 0.67 10.82 -5.20
C SER B 334 -0.22 11.76 -4.41
N CYS B 335 -0.03 11.82 -3.10
CA CYS B 335 -0.87 12.62 -2.23
C CYS B 335 -0.04 13.15 -1.08
N LEU B 336 -0.51 14.24 -0.48
CA LEU B 336 0.05 14.71 0.77
C LEU B 336 -1.00 15.54 1.47
N GLY B 337 -0.83 15.68 2.78
CA GLY B 337 -1.76 16.46 3.58
C GLY B 337 -1.14 16.98 4.85
N VAL B 338 -1.46 18.20 5.21
CA VAL B 338 -1.03 18.79 6.47
C VAL B 338 -2.17 18.70 7.47
N THR B 339 -1.84 18.36 8.71
CA THR B 339 -2.84 18.27 9.76
C THR B 339 -3.47 19.63 10.02
N ASP B 340 -4.74 19.60 10.47
CA ASP B 340 -5.45 20.85 10.73
C ASP B 340 -4.79 21.67 11.84
N ASP B 341 -4.01 21.03 12.71
CA ASP B 341 -3.21 21.77 13.68
C ASP B 341 -1.81 22.08 13.17
N GLY B 342 -1.47 21.63 11.98
CA GLY B 342 -0.21 21.96 11.37
C GLY B 342 1.00 21.23 11.90
N MET B 343 0.80 20.23 12.76
CA MET B 343 1.95 19.56 13.36
C MET B 343 2.71 18.73 12.34
N ALA B 344 1.99 18.01 11.48
CA ALA B 344 2.63 17.01 10.66
C ALA B 344 2.11 17.07 9.23
N VAL B 345 2.96 16.62 8.31
CA VAL B 345 2.58 16.38 6.92
C VAL B 345 2.65 14.89 6.69
N ALA B 346 1.62 14.33 6.09
CA ALA B 346 1.65 12.95 5.63
C ALA B 346 1.74 12.96 4.12
N THR B 347 2.67 12.21 3.58
CA THR B 347 2.80 12.05 2.13
C THR B 347 2.53 10.59 1.80
N GLY B 348 1.58 10.36 0.92
CA GLY B 348 1.42 9.04 0.34
C GLY B 348 2.15 8.98 -0.97
N SER B 349 2.33 7.75 -1.45
CA SER B 349 3.12 7.58 -2.65
C SER B 349 2.74 6.30 -3.35
N TRP B 350 3.15 6.18 -4.60
CA TRP B 350 2.95 4.98 -5.37
C TRP B 350 3.75 3.80 -4.85
N ASP B 351 4.72 4.05 -3.96
CA ASP B 351 5.51 2.99 -3.35
C ASP B 351 4.79 2.31 -2.20
N SER B 352 3.53 2.66 -1.96
CA SER B 352 2.64 2.02 -0.99
C SER B 352 2.92 2.41 0.46
N PHE B 353 3.62 3.52 0.71
CA PHE B 353 3.87 3.95 2.07
C PHE B 353 3.40 5.37 2.28
N LEU B 354 2.89 5.64 3.48
CA LEU B 354 2.64 7.00 3.93
C LEU B 354 3.66 7.34 4.99
N LYS B 355 4.24 8.53 4.89
CA LYS B 355 5.21 9.01 5.86
C LYS B 355 4.70 10.27 6.52
N ILE B 356 4.80 10.32 7.84
CA ILE B 356 4.46 11.51 8.62
C ILE B 356 5.74 12.29 8.86
N TRP B 357 5.68 13.61 8.67
CA TRP B 357 6.87 14.45 8.72
C TRP B 357 6.68 15.59 9.70
N ASN B 358 7.78 16.01 10.32
CA ASN B 358 7.82 17.18 11.19
C ASN B 358 9.09 17.99 10.97
N SER C 8 -23.65 23.92 -29.84
CA SER C 8 -24.32 24.74 -30.85
C SER C 8 -24.30 26.21 -30.44
N ILE C 9 -25.31 26.96 -30.89
CA ILE C 9 -25.40 28.36 -30.53
C ILE C 9 -25.67 28.53 -29.04
N ALA C 10 -26.44 27.61 -28.45
CA ALA C 10 -26.75 27.72 -27.02
C ALA C 10 -25.49 27.59 -26.17
N GLN C 11 -24.56 26.74 -26.60
CA GLN C 11 -23.29 26.61 -25.89
C GLN C 11 -22.52 27.93 -25.90
N ALA C 12 -22.48 28.60 -27.06
CA ALA C 12 -21.82 29.89 -27.13
C ALA C 12 -22.54 30.94 -26.27
N ARG C 13 -23.87 30.89 -26.24
CA ARG C 13 -24.62 31.80 -25.39
C ARG C 13 -24.28 31.58 -23.93
N LYS C 14 -24.21 30.31 -23.50
CA LYS C 14 -23.87 30.01 -22.11
C LYS C 14 -22.44 30.44 -21.79
N LEU C 15 -21.51 30.21 -22.71
CA LEU C 15 -20.13 30.64 -22.50
C LEU C 15 -20.04 32.16 -22.37
N VAL C 16 -20.76 32.88 -23.23
CA VAL C 16 -20.77 34.34 -23.17
C VAL C 16 -21.36 34.81 -21.85
N GLU C 17 -22.46 34.19 -21.42
CA GLU C 17 -23.07 34.59 -20.16
C GLU C 17 -22.15 34.33 -18.98
N GLN C 18 -21.47 33.18 -18.98
CA GLN C 18 -20.52 32.90 -17.91
C GLN C 18 -19.35 33.88 -17.92
N LEU C 19 -18.82 34.20 -19.11
CA LEU C 19 -17.75 35.17 -19.19
C LEU C 19 -18.19 36.54 -18.70
N LYS C 20 -19.44 36.91 -18.98
CA LYS C 20 -19.98 38.17 -18.50
C LYS C 20 -20.09 38.16 -16.98
N MET C 21 -20.63 37.08 -16.42
CA MET C 21 -20.79 36.99 -14.97
C MET C 21 -19.44 36.98 -14.26
N GLU C 22 -18.41 36.40 -14.89
CA GLU C 22 -17.08 36.41 -14.29
C GLU C 22 -16.39 37.76 -14.45
N ALA C 23 -16.64 38.45 -15.55
CA ALA C 23 -15.97 39.72 -15.82
C ALA C 23 -16.40 40.82 -14.85
N ASN C 24 -17.65 40.76 -14.37
CA ASN C 24 -18.19 41.80 -13.49
C ASN C 24 -18.06 41.34 -12.04
N ILE C 25 -16.82 41.40 -11.53
CA ILE C 25 -16.52 41.13 -10.14
C ILE C 25 -15.61 42.24 -9.63
N ASP C 26 -15.59 42.42 -8.31
CA ASP C 26 -14.82 43.48 -7.69
C ASP C 26 -13.41 42.96 -7.40
N ARG C 27 -12.54 43.07 -8.39
CA ARG C 27 -11.15 42.67 -8.19
C ARG C 27 -10.42 43.69 -7.35
N ILE C 28 -9.59 43.20 -6.42
CA ILE C 28 -8.73 44.03 -5.62
C ILE C 28 -7.35 44.05 -6.25
N LYS C 29 -6.54 45.03 -5.87
CA LYS C 29 -5.17 45.09 -6.37
C LYS C 29 -4.39 43.91 -5.84
N VAL C 30 -3.47 43.38 -6.66
CA VAL C 30 -2.65 42.27 -6.20
C VAL C 30 -1.70 42.72 -5.10
N SER C 31 -1.46 44.03 -4.97
CA SER C 31 -0.72 44.54 -3.83
C SER C 31 -1.44 44.23 -2.53
N LYS C 32 -2.75 44.51 -2.47
CA LYS C 32 -3.50 44.22 -1.26
C LYS C 32 -3.65 42.72 -1.04
N ALA C 33 -3.75 41.94 -2.13
CA ALA C 33 -3.81 40.48 -1.98
C ALA C 33 -2.54 39.95 -1.36
N ALA C 34 -1.39 40.39 -1.86
CA ALA C 34 -0.11 39.96 -1.31
C ALA C 34 0.07 40.45 0.12
N ALA C 35 -0.39 41.68 0.40
CA ALA C 35 -0.31 42.21 1.76
C ALA C 35 -1.16 41.38 2.71
N ASP C 36 -2.33 40.94 2.28
CA ASP C 36 -3.17 40.11 3.14
C ASP C 36 -2.57 38.73 3.33
N LEU C 37 -1.95 38.17 2.29
CA LEU C 37 -1.28 36.88 2.44
C LEU C 37 -0.12 36.97 3.43
N MET C 38 0.67 38.04 3.33
CA MET C 38 1.68 38.32 4.35
C MET C 38 1.05 38.43 5.73
N ALA C 39 0.04 39.29 5.86
CA ALA C 39 -0.60 39.52 7.15
C ALA C 39 -1.05 38.21 7.79
N TYR C 40 -1.62 37.30 6.99
CA TYR C 40 -2.03 36.01 7.53
C TYR C 40 -0.83 35.14 7.87
N CYS C 41 0.22 35.19 7.03
CA CYS C 41 1.36 34.32 7.25
C CYS C 41 2.12 34.69 8.52
N GLU C 42 2.45 35.97 8.68
CA GLU C 42 3.10 36.42 9.90
C GLU C 42 2.15 36.49 11.09
N ALA C 43 0.85 36.62 10.87
CA ALA C 43 -0.12 36.57 11.95
C ALA C 43 -0.29 35.17 12.51
N HIS C 44 0.21 34.15 11.81
CA HIS C 44 0.09 32.76 12.25
C HIS C 44 1.40 32.01 12.18
N ALA C 45 2.53 32.71 12.03
CA ALA C 45 3.81 32.02 11.92
C ALA C 45 4.17 31.31 13.22
N LYS C 46 3.78 31.87 14.36
CA LYS C 46 4.07 31.21 15.63
C LYS C 46 3.34 29.87 15.73
N GLU C 47 2.07 29.83 15.33
CA GLU C 47 1.31 28.58 15.38
C GLU C 47 1.41 27.82 14.07
N ASP C 48 2.63 27.63 13.58
CA ASP C 48 2.90 26.82 12.39
C ASP C 48 4.01 25.85 12.75
N PRO C 49 3.67 24.64 13.18
CA PRO C 49 4.70 23.69 13.58
C PRO C 49 5.66 23.30 12.46
N LEU C 50 5.21 23.32 11.21
CA LEU C 50 6.12 23.03 10.12
C LEU C 50 7.03 24.21 9.82
N LEU C 51 6.48 25.42 9.91
CA LEU C 51 7.28 26.62 9.70
C LEU C 51 8.26 26.83 10.85
N THR C 52 7.76 26.71 12.08
CA THR C 52 8.56 26.86 13.29
C THR C 52 8.45 25.57 14.08
N PRO C 53 9.41 24.66 13.97
CA PRO C 53 9.28 23.35 14.62
C PRO C 53 9.13 23.49 16.13
N VAL C 54 8.23 22.67 16.68
CA VAL C 54 7.91 22.69 18.10
C VAL C 54 8.96 21.90 18.88
N PRO C 55 9.10 22.11 20.18
CA PRO C 55 9.97 21.23 20.97
C PRO C 55 9.46 19.81 20.96
N ALA C 56 10.39 18.86 21.11
CA ALA C 56 10.01 17.45 21.02
C ALA C 56 8.98 17.08 22.08
N SER C 57 8.91 17.84 23.17
CA SER C 57 7.85 17.61 24.16
C SER C 57 6.48 17.89 23.56
N GLU C 58 6.38 18.95 22.76
CA GLU C 58 5.11 19.37 22.16
C GLU C 58 4.85 18.73 20.80
N ASN C 59 5.74 17.84 20.35
CA ASN C 59 5.59 17.19 19.05
C ASN C 59 4.96 15.84 19.27
N PRO C 60 3.72 15.61 18.84
CA PRO C 60 3.11 14.28 19.02
C PRO C 60 3.78 13.17 18.24
N PHE C 61 4.46 13.49 17.15
CA PHE C 61 5.21 12.49 16.38
C PHE C 61 6.68 12.48 16.77
N ARG C 62 6.92 12.14 18.02
CA ARG C 62 8.28 12.08 18.54
C ARG C 62 8.75 10.64 18.70
N VAL D 2 -28.18 -4.65 17.22
CA VAL D 2 -27.17 -5.17 18.14
C VAL D 2 -27.85 -5.76 19.36
N GLN D 3 -27.60 -7.04 19.62
CA GLN D 3 -28.09 -7.67 20.82
C GLN D 3 -27.17 -8.80 21.23
N LEU D 4 -26.95 -8.93 22.53
CA LEU D 4 -26.15 -9.99 23.11
C LEU D 4 -27.05 -10.77 24.06
N VAL D 5 -27.23 -12.05 23.78
CA VAL D 5 -28.15 -12.88 24.57
C VAL D 5 -27.33 -13.96 25.27
N GLU D 6 -27.27 -13.88 26.60
CA GLU D 6 -26.57 -14.89 27.36
C GLU D 6 -27.48 -16.09 27.62
N SER D 7 -26.86 -17.24 27.85
CA SER D 7 -27.60 -18.44 28.21
C SER D 7 -26.74 -19.29 29.12
N GLY D 8 -27.39 -20.18 29.85
CA GLY D 8 -26.72 -20.96 30.88
C GLY D 8 -27.30 -20.69 32.24
N GLY D 9 -26.50 -20.08 33.12
CA GLY D 9 -27.01 -19.60 34.40
C GLY D 9 -27.57 -20.73 35.23
N GLY D 10 -28.85 -20.60 35.60
CA GLY D 10 -29.50 -21.66 36.34
C GLY D 10 -28.92 -21.82 37.75
N LEU D 11 -29.16 -23.01 38.29
CA LEU D 11 -28.72 -23.36 39.64
C LEU D 11 -27.82 -24.58 39.57
N VAL D 12 -26.70 -24.53 40.29
CA VAL D 12 -25.72 -25.61 40.32
C VAL D 12 -25.30 -25.85 41.76
N GLN D 13 -24.78 -27.06 41.99
CA GLN D 13 -24.19 -27.37 43.28
C GLN D 13 -22.78 -26.80 43.36
N PRO D 14 -22.29 -26.50 44.57
CA PRO D 14 -20.92 -26.01 44.71
C PRO D 14 -19.92 -27.04 44.20
N GLY D 15 -18.84 -26.55 43.59
CA GLY D 15 -17.87 -27.40 42.97
C GLY D 15 -18.24 -27.94 41.61
N GLY D 16 -19.42 -27.58 41.10
CA GLY D 16 -19.86 -28.05 39.81
C GLY D 16 -19.29 -27.21 38.68
N SER D 17 -19.77 -27.49 37.48
CA SER D 17 -19.26 -26.81 36.29
C SER D 17 -20.38 -26.66 35.27
N ARG D 18 -20.39 -25.51 34.60
CA ARG D 18 -21.25 -25.32 33.43
C ARG D 18 -20.69 -24.19 32.60
N LYS D 19 -21.13 -24.15 31.34
CA LYS D 19 -20.64 -23.19 30.36
C LYS D 19 -21.69 -22.11 30.15
N LEU D 20 -21.28 -20.85 30.29
CA LEU D 20 -22.12 -19.73 29.89
C LEU D 20 -21.93 -19.47 28.40
N SER D 21 -23.02 -19.19 27.73
CA SER D 21 -23.01 -18.87 26.30
C SER D 21 -23.52 -17.46 26.07
N CYS D 22 -23.08 -16.87 24.96
CA CYS D 22 -23.47 -15.53 24.55
C CYS D 22 -23.82 -15.55 23.07
N SER D 23 -25.11 -15.48 22.75
CA SER D 23 -25.54 -15.47 21.35
C SER D 23 -25.53 -14.04 20.86
N ALA D 24 -24.39 -13.61 20.33
CA ALA D 24 -24.29 -12.29 19.73
C ALA D 24 -25.01 -12.28 18.38
N SER D 25 -25.62 -11.14 18.08
CA SER D 25 -26.21 -10.94 16.76
C SER D 25 -26.41 -9.45 16.53
N GLY D 26 -26.44 -9.07 15.27
CA GLY D 26 -26.65 -7.69 14.90
C GLY D 26 -25.42 -6.83 14.88
N PHE D 27 -24.23 -7.39 15.03
CA PHE D 27 -23.01 -6.60 14.97
C PHE D 27 -21.85 -7.52 14.59
N ALA D 28 -20.75 -6.89 14.20
CA ALA D 28 -19.53 -7.60 13.78
C ALA D 28 -18.84 -8.17 15.01
N PHE D 29 -19.36 -9.30 15.49
CA PHE D 29 -18.91 -9.89 16.75
C PHE D 29 -17.43 -10.24 16.71
N SER D 30 -16.93 -10.67 15.55
CA SER D 30 -15.53 -11.07 15.46
C SER D 30 -14.59 -9.90 15.73
N SER D 31 -15.02 -8.68 15.43
CA SER D 31 -14.17 -7.51 15.58
C SER D 31 -14.22 -6.89 16.97
N PHE D 32 -15.01 -7.45 17.89
CA PHE D 32 -15.15 -6.91 19.23
C PHE D 32 -14.40 -7.77 20.23
N GLY D 33 -13.74 -7.11 21.18
CA GLY D 33 -13.30 -7.82 22.37
C GLY D 33 -14.50 -8.07 23.27
N MET D 34 -14.49 -9.21 23.93
CA MET D 34 -15.64 -9.65 24.69
C MET D 34 -15.27 -9.80 26.15
N HIS D 35 -16.11 -9.29 27.03
CA HIS D 35 -15.93 -9.36 28.46
C HIS D 35 -17.04 -10.16 29.09
N TRP D 36 -16.72 -10.84 30.19
CA TRP D 36 -17.73 -11.32 31.13
C TRP D 36 -17.62 -10.45 32.36
N VAL D 37 -18.72 -9.84 32.76
CA VAL D 37 -18.77 -9.03 33.97
C VAL D 37 -19.95 -9.53 34.79
N ARG D 38 -19.72 -9.85 36.05
CA ARG D 38 -20.78 -10.39 36.88
C ARG D 38 -21.18 -9.39 37.95
N GLN D 39 -22.38 -9.59 38.47
CA GLN D 39 -22.92 -8.73 39.52
C GLN D 39 -23.61 -9.64 40.53
N ALA D 40 -23.05 -9.71 41.74
CA ALA D 40 -23.67 -10.51 42.78
C ALA D 40 -25.04 -9.94 43.10
N PRO D 41 -25.96 -10.76 43.62
CA PRO D 41 -27.35 -10.33 43.72
C PRO D 41 -27.57 -8.98 44.40
N GLU D 42 -26.80 -8.63 45.42
CA GLU D 42 -26.94 -7.31 46.02
C GLU D 42 -25.72 -6.41 45.85
N LYS D 43 -24.58 -6.94 45.40
CA LYS D 43 -23.38 -6.13 45.35
C LYS D 43 -23.28 -5.50 43.95
N GLY D 44 -22.17 -4.84 43.65
CA GLY D 44 -21.99 -4.16 42.38
C GLY D 44 -21.31 -5.04 41.34
N LEU D 45 -20.99 -4.42 40.21
CA LEU D 45 -20.35 -5.13 39.12
C LEU D 45 -18.91 -5.47 39.45
N GLU D 46 -18.46 -6.60 38.90
CA GLU D 46 -17.07 -7.05 39.04
C GLU D 46 -16.70 -7.73 37.74
N TRP D 47 -15.63 -7.27 37.12
CA TRP D 47 -15.19 -7.82 35.84
C TRP D 47 -14.60 -9.21 36.04
N VAL D 48 -14.98 -10.14 35.18
CA VAL D 48 -14.61 -11.55 35.30
C VAL D 48 -13.50 -11.93 34.33
N ALA D 49 -13.77 -11.83 33.03
CA ALA D 49 -12.80 -12.29 32.05
C ALA D 49 -12.96 -11.49 30.77
N TYR D 50 -11.89 -11.46 29.98
CA TYR D 50 -11.86 -10.75 28.72
C TYR D 50 -11.21 -11.63 27.66
N ILE D 51 -11.87 -11.77 26.52
CA ILE D 51 -11.27 -12.38 25.34
C ILE D 51 -11.22 -11.32 24.25
N SER D 52 -10.05 -11.12 23.67
CA SER D 52 -9.87 -10.09 22.67
C SER D 52 -10.46 -10.53 21.34
N SER D 53 -10.56 -9.58 20.41
CA SER D 53 -10.96 -9.90 19.05
C SER D 53 -9.89 -10.76 18.39
N GLY D 54 -10.28 -11.92 17.89
CA GLY D 54 -9.34 -12.89 17.38
C GLY D 54 -8.80 -13.85 18.40
N SER D 55 -9.24 -13.77 19.65
CA SER D 55 -8.88 -14.68 20.74
C SER D 55 -7.39 -14.64 21.07
N GLY D 56 -6.65 -13.67 20.54
CA GLY D 56 -5.22 -13.63 20.81
C GLY D 56 -4.90 -13.33 22.26
N THR D 57 -5.65 -12.41 22.86
CA THR D 57 -5.45 -12.00 24.23
C THR D 57 -6.62 -12.45 25.09
N ILE D 58 -6.32 -13.08 26.22
CA ILE D 58 -7.32 -13.49 27.19
C ILE D 58 -6.87 -13.03 28.57
N TYR D 59 -7.76 -12.42 29.33
CA TYR D 59 -7.48 -12.00 30.69
C TYR D 59 -8.56 -12.55 31.61
N TYR D 60 -8.20 -12.74 32.88
CA TYR D 60 -9.14 -13.18 33.89
C TYR D 60 -8.95 -12.36 35.16
N ALA D 61 -10.02 -12.27 35.95
CA ALA D 61 -9.89 -11.79 37.30
C ALA D 61 -9.14 -12.82 38.12
N ASP D 62 -8.37 -12.35 39.09
CA ASP D 62 -7.60 -13.27 39.91
C ASP D 62 -8.49 -14.25 40.67
N THR D 63 -9.72 -13.85 40.98
CA THR D 63 -10.61 -14.73 41.72
C THR D 63 -11.20 -15.85 40.88
N VAL D 64 -11.02 -15.82 39.56
CA VAL D 64 -11.60 -16.85 38.70
C VAL D 64 -10.55 -17.40 37.75
N LYS D 65 -9.36 -16.81 37.75
CA LYS D 65 -8.31 -17.25 36.85
C LYS D 65 -7.85 -18.67 37.17
N GLY D 66 -7.73 -19.48 36.13
CA GLY D 66 -7.39 -20.89 36.28
C GLY D 66 -8.58 -21.81 36.29
N ARG D 67 -9.64 -21.40 36.97
CA ARG D 67 -10.87 -22.17 37.03
C ARG D 67 -11.86 -21.78 35.94
N PHE D 68 -11.90 -20.51 35.55
CA PHE D 68 -12.84 -20.03 34.54
C PHE D 68 -12.09 -19.97 33.22
N THR D 69 -12.80 -20.28 32.13
CA THR D 69 -12.23 -20.21 30.78
C THR D 69 -13.20 -19.49 29.86
N ILE D 70 -12.75 -18.35 29.32
CA ILE D 70 -13.53 -17.57 28.37
C ILE D 70 -13.09 -17.95 26.96
N SER D 71 -14.06 -18.20 26.08
CA SER D 71 -13.77 -18.56 24.71
C SER D 71 -14.88 -18.02 23.82
N ARG D 72 -14.53 -17.76 22.57
CA ARG D 72 -15.47 -17.26 21.58
C ARG D 72 -15.45 -18.17 20.36
N ASP D 73 -16.59 -18.25 19.68
CA ASP D 73 -16.66 -18.90 18.37
C ASP D 73 -17.18 -17.87 17.39
N ASP D 74 -16.25 -17.24 16.66
CA ASP D 74 -16.63 -16.19 15.71
C ASP D 74 -17.60 -16.64 14.63
N PRO D 75 -17.44 -17.79 13.96
CA PRO D 75 -18.40 -18.15 12.91
C PRO D 75 -19.84 -18.24 13.40
N LYS D 76 -20.06 -18.74 14.62
CA LYS D 76 -21.40 -18.80 15.17
C LYS D 76 -21.71 -17.61 16.06
N ASN D 77 -20.79 -16.64 16.15
CA ASN D 77 -21.02 -15.39 16.87
C ASN D 77 -21.38 -15.66 18.33
N THR D 78 -20.66 -16.56 18.96
CA THR D 78 -20.97 -17.02 20.31
C THR D 78 -19.76 -16.85 21.21
N LEU D 79 -20.00 -16.35 22.42
CA LEU D 79 -19.00 -16.19 23.46
C LEU D 79 -19.31 -17.13 24.61
N PHE D 80 -18.28 -17.79 25.13
CA PHE D 80 -18.42 -18.80 26.15
C PHE D 80 -17.69 -18.39 27.42
N LEU D 81 -18.20 -18.88 28.55
CA LEU D 81 -17.48 -18.84 29.82
C LEU D 81 -17.57 -20.22 30.44
N GLN D 82 -16.50 -21.01 30.30
CA GLN D 82 -16.41 -22.31 30.93
C GLN D 82 -16.03 -22.12 32.39
N MET D 83 -16.95 -22.43 33.29
CA MET D 83 -16.75 -22.25 34.72
C MET D 83 -16.53 -23.61 35.35
N THR D 84 -15.44 -23.74 36.13
CA THR D 84 -15.14 -24.97 36.83
C THR D 84 -14.92 -24.67 38.30
N SER D 85 -15.18 -25.66 39.14
CA SER D 85 -15.07 -25.53 40.59
C SER D 85 -15.90 -24.34 41.08
N LEU D 86 -17.21 -24.42 40.81
CA LEU D 86 -18.10 -23.28 41.04
C LEU D 86 -18.28 -23.09 42.55
N ARG D 87 -17.57 -22.14 43.10
CA ARG D 87 -17.71 -21.77 44.50
C ARG D 87 -19.01 -21.02 44.74
N SER D 88 -19.39 -20.92 46.01
CA SER D 88 -20.58 -20.15 46.37
C SER D 88 -20.41 -18.67 46.04
N GLU D 89 -19.16 -18.20 46.00
CA GLU D 89 -18.91 -16.81 45.62
C GLU D 89 -19.14 -16.55 44.14
N ASP D 90 -19.36 -17.58 43.34
CA ASP D 90 -19.63 -17.41 41.92
C ASP D 90 -21.08 -17.12 41.61
N THR D 91 -21.96 -17.09 42.60
CA THR D 91 -23.34 -16.71 42.31
C THR D 91 -23.37 -15.23 41.96
N ALA D 92 -24.00 -14.91 40.84
CA ALA D 92 -24.06 -13.55 40.31
C ALA D 92 -24.90 -13.60 39.04
N MET D 93 -25.29 -12.41 38.58
CA MET D 93 -25.77 -12.24 37.22
C MET D 93 -24.57 -11.97 36.31
N TYR D 94 -24.34 -12.85 35.35
CA TYR D 94 -23.17 -12.75 34.49
C TYR D 94 -23.55 -12.00 33.22
N TYR D 95 -22.85 -10.90 32.96
CA TYR D 95 -23.11 -10.04 31.83
C TYR D 95 -22.00 -10.21 30.82
N CYS D 96 -22.38 -10.40 29.56
CA CYS D 96 -21.44 -10.31 28.46
C CYS D 96 -21.40 -8.87 27.97
N VAL D 97 -20.19 -8.36 27.78
CA VAL D 97 -20.03 -6.96 27.43
C VAL D 97 -19.29 -6.87 26.11
N ARG D 98 -19.90 -6.14 25.18
CA ARG D 98 -19.31 -5.82 23.89
C ARG D 98 -18.29 -4.71 24.08
N SER D 99 -17.09 -4.91 23.58
CA SER D 99 -16.11 -3.83 23.66
C SER D 99 -15.16 -3.91 22.47
N ILE D 100 -14.91 -2.78 21.84
CA ILE D 100 -14.01 -2.69 20.70
C ILE D 100 -12.96 -1.65 21.03
N TYR D 101 -11.76 -1.85 20.51
CA TYR D 101 -10.62 -1.03 20.89
C TYR D 101 -9.89 -0.55 19.64
N TYR D 102 -10.03 0.73 19.36
CA TYR D 102 -9.21 1.46 18.41
C TYR D 102 -9.23 2.91 18.85
N TYR D 103 -8.43 3.74 18.20
CA TYR D 103 -8.41 5.15 18.60
C TYR D 103 -9.80 5.75 18.45
N GLY D 104 -10.32 6.29 19.55
CA GLY D 104 -11.61 6.92 19.55
C GLY D 104 -12.77 5.98 19.79
N SER D 105 -12.52 4.68 19.87
CA SER D 105 -13.61 3.74 20.04
C SER D 105 -14.22 3.87 21.42
N SER D 106 -15.40 3.29 21.57
CA SER D 106 -16.18 3.33 22.81
C SER D 106 -16.29 1.92 23.34
N PRO D 107 -15.36 1.48 24.18
CA PRO D 107 -15.46 0.14 24.74
C PRO D 107 -16.60 0.05 25.75
N PHE D 108 -17.00 -1.19 26.01
CA PHE D 108 -18.02 -1.50 27.01
C PHE D 108 -19.34 -0.81 26.68
N ASP D 109 -19.60 -0.63 25.38
CA ASP D 109 -20.74 0.15 24.94
C ASP D 109 -22.04 -0.62 24.90
N PHE D 110 -22.00 -1.94 24.70
CA PHE D 110 -23.22 -2.72 24.72
C PHE D 110 -23.06 -3.88 25.69
N TRP D 111 -24.11 -4.12 26.46
CA TRP D 111 -24.14 -5.18 27.45
C TRP D 111 -25.30 -6.12 27.17
N GLY D 112 -25.07 -7.41 27.38
CA GLY D 112 -26.13 -8.37 27.24
C GLY D 112 -27.12 -8.29 28.39
N GLN D 113 -28.25 -8.98 28.23
CA GLN D 113 -29.25 -8.97 29.28
C GLN D 113 -28.78 -9.73 30.51
N GLY D 114 -27.89 -10.69 30.34
CA GLY D 114 -27.32 -11.40 31.45
C GLY D 114 -28.11 -12.63 31.84
N THR D 115 -27.41 -13.60 32.40
CA THR D 115 -28.03 -14.76 33.03
C THR D 115 -27.51 -14.90 34.45
N THR D 116 -28.43 -15.16 35.37
CA THR D 116 -28.09 -15.31 36.78
C THR D 116 -27.60 -16.72 37.03
N LEU D 117 -26.37 -16.84 37.50
CA LEU D 117 -25.84 -18.12 37.97
C LEU D 117 -26.02 -18.19 39.48
N THR D 118 -26.62 -19.27 39.95
CA THR D 118 -26.88 -19.48 41.36
C THR D 118 -26.10 -20.71 41.81
N VAL D 119 -25.28 -20.55 42.84
CA VAL D 119 -24.52 -21.64 43.42
C VAL D 119 -25.00 -21.80 44.86
N SER D 120 -25.59 -22.96 45.16
CA SER D 120 -26.12 -23.21 46.48
C SER D 120 -24.99 -23.45 47.49
N SER D 121 -25.29 -23.19 48.76
CA SER D 121 -24.34 -23.39 49.83
C SER D 121 -24.61 -24.69 50.58
N SER D 136 -2.46 -5.01 44.19
CA SER D 136 -1.86 -4.39 43.01
C SER D 136 -2.94 -3.84 42.08
N ASP D 137 -4.15 -4.40 42.20
CA ASP D 137 -5.26 -3.97 41.36
C ASP D 137 -5.64 -2.53 41.70
N ILE D 138 -5.99 -1.75 40.67
CA ILE D 138 -6.41 -0.38 40.90
C ILE D 138 -7.78 -0.42 41.56
N VAL D 139 -7.96 0.40 42.60
CA VAL D 139 -9.22 0.47 43.35
C VAL D 139 -10.06 1.68 42.95
N MET D 140 -11.31 1.43 42.59
CA MET D 140 -12.30 2.47 42.29
C MET D 140 -13.23 2.61 43.49
N THR D 141 -13.28 3.82 44.04
CA THR D 141 -14.01 4.10 45.25
C THR D 141 -15.14 5.06 44.91
N GLN D 142 -16.37 4.66 45.22
CA GLN D 142 -17.54 5.53 45.15
C GLN D 142 -18.02 5.71 46.59
N ALA D 143 -17.52 6.75 47.26
CA ALA D 143 -17.80 6.92 48.68
C ALA D 143 -19.29 7.08 48.93
N THR D 144 -19.97 7.88 48.11
CA THR D 144 -21.40 8.02 48.25
C THR D 144 -22.13 6.80 47.66
N SER D 145 -23.39 6.66 48.05
CA SER D 145 -24.25 5.57 47.60
C SER D 145 -25.67 5.86 48.05
N SER D 146 -26.63 5.43 47.23
CA SER D 146 -28.05 5.63 47.52
C SER D 146 -28.37 7.10 47.78
N VAL D 147 -27.78 7.96 46.97
CA VAL D 147 -28.01 9.41 47.13
C VAL D 147 -29.41 9.77 46.63
N PRO D 148 -30.22 10.47 47.41
CA PRO D 148 -31.57 10.83 46.96
C PRO D 148 -31.52 12.04 46.03
N VAL D 149 -32.25 11.94 44.92
CA VAL D 149 -32.19 12.95 43.87
C VAL D 149 -33.60 13.44 43.56
N THR D 150 -33.66 14.63 42.99
CA THR D 150 -34.91 15.27 42.60
C THR D 150 -34.90 15.54 41.11
N PRO D 151 -35.92 15.12 40.37
CA PRO D 151 -35.90 15.33 38.91
C PRO D 151 -35.78 16.79 38.55
N GLY D 152 -35.02 17.06 37.50
CA GLY D 152 -34.79 18.41 37.02
C GLY D 152 -33.59 19.13 37.60
N GLU D 153 -33.04 18.66 38.71
CA GLU D 153 -31.90 19.31 39.34
C GLU D 153 -30.64 18.49 39.16
N SER D 154 -29.50 19.18 39.17
CA SER D 154 -28.23 18.51 38.86
C SER D 154 -27.77 17.66 40.03
N VAL D 155 -27.05 16.58 39.71
CA VAL D 155 -26.38 15.74 40.69
C VAL D 155 -25.02 15.34 40.14
N SER D 156 -24.03 15.27 41.04
CA SER D 156 -22.68 14.88 40.67
C SER D 156 -22.33 13.62 41.44
N ILE D 157 -21.98 12.56 40.72
CA ILE D 157 -21.58 11.29 41.31
C ILE D 157 -20.07 11.22 41.27
N SER D 158 -19.46 11.07 42.44
CA SER D 158 -18.01 11.13 42.53
C SER D 158 -17.40 9.74 42.44
N CYS D 159 -16.13 9.70 42.07
CA CYS D 159 -15.38 8.46 41.98
C CYS D 159 -13.94 8.73 42.35
N ARG D 160 -13.33 7.80 43.06
CA ARG D 160 -11.92 7.88 43.41
C ARG D 160 -11.20 6.63 42.93
N SER D 161 -9.97 6.81 42.47
CA SER D 161 -9.12 5.72 42.01
C SER D 161 -7.86 5.68 42.86
N SER D 162 -7.43 4.46 43.21
CA SER D 162 -6.22 4.32 43.99
C SER D 162 -4.99 4.75 43.20
N LYS D 163 -5.00 4.53 41.88
CA LYS D 163 -3.93 4.95 41.01
C LYS D 163 -4.48 5.94 39.98
N SER D 164 -3.60 6.81 39.49
CA SER D 164 -3.99 7.77 38.47
C SER D 164 -4.46 7.05 37.22
N LEU D 165 -5.72 7.25 36.86
CA LEU D 165 -6.26 6.64 35.64
C LEU D 165 -5.76 7.35 34.40
N LEU D 166 -5.20 8.54 34.55
CA LEU D 166 -4.61 9.22 33.41
C LEU D 166 -3.34 8.51 32.96
N HIS D 167 -3.30 8.16 31.68
CA HIS D 167 -2.13 7.54 31.08
C HIS D 167 -1.23 8.61 30.49
N SER D 168 0.01 8.22 30.17
CA SER D 168 0.91 9.15 29.50
C SER D 168 0.44 9.52 28.11
N ASN D 169 -0.42 8.69 27.50
CA ASN D 169 -0.98 9.01 26.19
C ASN D 169 -2.00 10.14 26.23
N GLY D 170 -2.43 10.55 27.42
CA GLY D 170 -3.41 11.61 27.55
C GLY D 170 -4.81 11.13 27.87
N ASN D 171 -5.08 9.84 27.74
CA ASN D 171 -6.41 9.30 28.02
C ASN D 171 -6.53 8.99 29.50
N THR D 172 -7.72 9.21 30.04
CA THR D 172 -8.05 8.82 31.40
C THR D 172 -9.07 7.70 31.32
N TYR D 173 -8.64 6.48 31.62
CA TYR D 173 -9.45 5.29 31.38
C TYR D 173 -10.43 5.09 32.53
N LEU D 174 -11.39 6.02 32.62
CA LEU D 174 -12.49 5.95 33.55
C LEU D 174 -13.80 5.75 32.82
N TYR D 175 -14.55 4.73 33.20
CA TYR D 175 -15.82 4.42 32.57
C TYR D 175 -16.97 4.64 33.55
N TRP D 176 -18.08 5.17 33.04
CA TRP D 176 -19.30 5.36 33.81
C TRP D 176 -20.40 4.51 33.19
N PHE D 177 -21.07 3.70 34.01
CA PHE D 177 -22.16 2.85 33.56
C PHE D 177 -23.40 3.14 34.38
N LEU D 178 -24.56 3.07 33.74
CA LEU D 178 -25.84 3.23 34.42
C LEU D 178 -26.55 1.88 34.42
N GLN D 179 -26.66 1.27 35.59
CA GLN D 179 -27.43 0.04 35.79
C GLN D 179 -28.83 0.44 36.25
N ARG D 180 -29.74 0.59 35.30
CA ARG D 180 -31.11 0.93 35.65
C ARG D 180 -31.79 -0.26 36.34
N PRO D 181 -32.74 0.00 37.23
CA PRO D 181 -33.41 -1.08 37.97
C PRO D 181 -34.04 -2.12 37.04
N GLY D 182 -33.55 -3.35 37.14
CA GLY D 182 -34.05 -4.43 36.33
C GLY D 182 -33.47 -4.52 34.94
N GLN D 183 -32.63 -3.56 34.55
CA GLN D 183 -32.05 -3.51 33.22
C GLN D 183 -30.55 -3.66 33.31
N SER D 184 -29.97 -4.24 32.26
CA SER D 184 -28.53 -4.46 32.21
C SER D 184 -27.79 -3.13 32.18
N PRO D 185 -26.53 -3.10 32.61
CA PRO D 185 -25.77 -1.85 32.59
C PRO D 185 -25.72 -1.25 31.19
N GLN D 186 -25.40 0.05 31.15
CA GLN D 186 -25.46 0.81 29.91
C GLN D 186 -24.38 1.88 30.01
N LEU D 187 -23.43 1.87 29.08
CA LEU D 187 -22.35 2.84 29.12
C LEU D 187 -22.88 4.24 28.91
N LEU D 188 -22.44 5.15 29.77
CA LEU D 188 -22.73 6.57 29.64
C LEU D 188 -21.51 7.36 29.17
N ILE D 189 -20.36 7.12 29.80
CA ILE D 189 -19.12 7.80 29.48
C ILE D 189 -18.03 6.74 29.46
N TYR D 190 -17.24 6.69 28.38
CA TYR D 190 -16.30 5.60 28.24
C TYR D 190 -14.89 5.97 28.68
N ARG D 191 -14.26 6.94 28.06
CA ARG D 191 -13.07 7.52 28.68
C ARG D 191 -13.47 8.82 29.34
N MET D 192 -12.80 9.16 30.43
CA MET D 192 -13.20 10.31 31.24
C MET D 192 -13.56 11.49 30.35
N SER D 193 -14.80 11.97 30.49
CA SER D 193 -15.34 13.06 29.68
C SER D 193 -15.48 12.67 28.21
N ASN D 194 -16.12 11.52 27.96
CA ASN D 194 -16.44 11.07 26.61
C ASN D 194 -17.84 10.46 26.63
N LEU D 195 -18.82 11.19 26.14
CA LEU D 195 -20.19 10.72 26.16
C LEU D 195 -20.38 9.56 25.20
N ALA D 196 -21.04 8.50 25.67
CA ALA D 196 -21.32 7.33 24.86
C ALA D 196 -22.47 7.61 23.89
N SER D 197 -22.54 6.77 22.85
CA SER D 197 -23.55 6.92 21.82
C SER D 197 -24.94 6.63 22.37
N GLY D 198 -25.89 7.49 22.02
CA GLY D 198 -27.26 7.37 22.46
C GLY D 198 -27.54 7.89 23.85
N VAL D 199 -26.52 8.40 24.53
CA VAL D 199 -26.66 8.96 25.88
C VAL D 199 -26.94 10.44 25.72
N PRO D 200 -28.02 10.97 26.30
CA PRO D 200 -28.31 12.40 26.14
C PRO D 200 -27.18 13.27 26.66
N ASP D 201 -26.95 14.39 25.99
CA ASP D 201 -25.82 15.23 26.35
C ASP D 201 -26.17 16.12 27.54
N ARG D 202 -26.72 15.49 28.58
CA ARG D 202 -26.81 16.04 29.91
C ARG D 202 -25.91 15.34 30.92
N PHE D 203 -25.55 14.08 30.65
CA PHE D 203 -24.53 13.41 31.46
C PHE D 203 -23.17 13.99 31.09
N SER D 204 -22.38 14.36 32.10
CA SER D 204 -21.06 14.90 31.89
C SER D 204 -20.05 14.18 32.77
N GLY D 205 -18.85 14.03 32.24
CA GLY D 205 -17.77 13.38 32.97
C GLY D 205 -16.60 14.34 33.10
N SER D 206 -15.94 14.30 34.25
CA SER D 206 -14.83 15.19 34.53
C SER D 206 -14.00 14.60 35.66
N GLY D 207 -12.90 15.26 35.95
CA GLY D 207 -11.95 14.83 36.95
C GLY D 207 -10.55 14.94 36.40
N SER D 208 -9.60 14.46 37.19
CA SER D 208 -8.21 14.42 36.74
C SER D 208 -7.39 13.58 37.70
N GLY D 209 -6.60 12.66 37.15
CA GLY D 209 -5.76 11.85 38.00
C GLY D 209 -6.54 10.74 38.64
N THR D 210 -6.84 10.90 39.93
CA THR D 210 -7.49 9.86 40.71
C THR D 210 -8.91 10.21 41.12
N ALA D 211 -9.32 11.46 41.00
CA ALA D 211 -10.61 11.92 41.47
C ALA D 211 -11.51 12.22 40.28
N PHE D 212 -12.74 11.71 40.32
CA PHE D 212 -13.62 11.77 39.16
C PHE D 212 -15.03 12.06 39.63
N THR D 213 -15.76 12.82 38.82
CA THR D 213 -17.16 13.08 39.08
C THR D 213 -17.96 12.93 37.78
N LEU D 214 -19.16 12.41 37.92
CA LEU D 214 -20.13 12.31 36.82
C LEU D 214 -21.30 13.23 37.15
N THR D 215 -21.45 14.29 36.37
CA THR D 215 -22.49 15.27 36.60
C THR D 215 -23.66 14.97 35.68
N ILE D 216 -24.86 14.96 36.24
CA ILE D 216 -26.10 14.86 35.49
C ILE D 216 -26.78 16.22 35.56
N SER D 217 -27.06 16.81 34.40
CA SER D 217 -27.53 18.19 34.39
C SER D 217 -28.98 18.28 34.85
N ARG D 218 -29.90 17.64 34.14
CA ARG D 218 -31.32 17.65 34.47
C ARG D 218 -31.83 16.21 34.53
N LEU D 219 -31.69 15.58 35.70
CA LEU D 219 -31.95 14.15 35.78
C LEU D 219 -33.43 13.86 35.60
N GLU D 220 -33.74 12.90 34.75
CA GLU D 220 -35.10 12.48 34.51
C GLU D 220 -35.45 11.32 35.44
N ALA D 221 -36.63 10.73 35.25
CA ALA D 221 -37.00 9.55 36.03
C ALA D 221 -36.25 8.30 35.56
N GLU D 222 -35.67 8.33 34.37
CA GLU D 222 -34.92 7.19 33.85
C GLU D 222 -33.47 7.16 34.33
N ASP D 223 -32.98 8.24 34.94
CA ASP D 223 -31.64 8.22 35.48
C ASP D 223 -31.57 7.55 36.85
N VAL D 224 -32.71 7.14 37.40
CA VAL D 224 -32.69 6.37 38.62
C VAL D 224 -31.99 5.06 38.32
N GLY D 225 -30.98 4.75 39.11
CA GLY D 225 -30.24 3.51 38.93
C GLY D 225 -28.89 3.61 39.60
N VAL D 226 -28.17 2.52 39.56
CA VAL D 226 -26.85 2.42 40.16
C VAL D 226 -25.79 2.79 39.12
N TYR D 227 -24.94 3.74 39.45
CA TYR D 227 -23.93 4.26 38.55
C TYR D 227 -22.58 3.68 38.94
N TYR D 228 -21.90 3.04 38.00
CA TYR D 228 -20.67 2.31 38.28
C TYR D 228 -19.48 2.98 37.62
N CYS D 229 -18.39 3.07 38.38
CA CYS D 229 -17.10 3.40 37.83
C CYS D 229 -16.50 2.18 37.17
N MET D 230 -15.47 2.40 36.36
CA MET D 230 -14.63 1.32 35.89
C MET D 230 -13.34 1.91 35.38
N GLN D 231 -12.22 1.35 35.80
CA GLN D 231 -10.95 1.72 35.22
C GLN D 231 -10.62 0.75 34.09
N HIS D 232 -9.96 1.27 33.06
CA HIS D 232 -9.48 0.44 31.98
C HIS D 232 -8.01 0.70 31.71
N LEU D 233 -7.29 1.14 32.73
CA LEU D 233 -5.87 1.46 32.58
C LEU D 233 -5.04 0.19 32.65
N GLU D 234 -5.10 -0.50 33.79
CA GLU D 234 -4.43 -1.78 34.00
C GLU D 234 -5.50 -2.85 34.01
N TYR D 235 -5.15 -4.03 33.51
CA TYR D 235 -6.24 -4.78 32.94
C TYR D 235 -7.18 -5.39 33.98
N PRO D 236 -6.76 -5.73 35.21
CA PRO D 236 -7.75 -6.31 36.13
C PRO D 236 -8.83 -5.30 36.43
N LEU D 237 -9.74 -5.14 35.46
CA LEU D 237 -10.73 -4.08 35.48
C LEU D 237 -11.55 -4.13 36.76
N THR D 238 -11.66 -3.00 37.42
CA THR D 238 -12.30 -2.92 38.73
C THR D 238 -13.38 -1.86 38.67
N PHE D 239 -14.56 -2.22 39.18
CA PHE D 239 -15.66 -1.29 39.32
C PHE D 239 -15.68 -0.75 40.75
N GLY D 240 -16.01 0.53 40.88
CA GLY D 240 -16.37 1.04 42.18
C GLY D 240 -17.70 0.46 42.61
N ALA D 241 -17.90 0.36 43.93
CA ALA D 241 -19.21 -0.02 44.42
C ALA D 241 -20.20 1.03 43.95
N GLY D 242 -21.32 0.57 43.37
CA GLY D 242 -22.17 1.48 42.64
C GLY D 242 -22.75 2.57 43.52
N THR D 243 -22.97 3.72 42.91
CA THR D 243 -23.64 4.84 43.58
C THR D 243 -25.07 4.89 43.09
N LYS D 244 -25.99 4.43 43.91
CA LYS D 244 -27.40 4.36 43.53
C LYS D 244 -28.00 5.76 43.54
N LEU D 245 -28.94 5.98 42.62
CA LEU D 245 -29.74 7.19 42.62
C LEU D 245 -31.19 6.79 42.89
N GLU D 246 -31.81 7.48 43.84
CA GLU D 246 -33.18 7.17 44.23
C GLU D 246 -34.00 8.44 44.27
N LEU D 247 -35.28 8.31 43.92
CA LEU D 247 -36.19 9.46 43.92
C LEU D 247 -36.44 9.97 45.34
N SER E 161 58.69 -10.52 1.84
CA SER E 161 58.65 -10.12 0.43
C SER E 161 57.74 -11.04 -0.36
N TYR E 162 58.17 -12.29 -0.54
CA TYR E 162 57.35 -13.25 -1.27
C TYR E 162 56.03 -13.51 -0.56
N GLN E 163 56.06 -13.64 0.77
CA GLN E 163 54.82 -13.85 1.49
C GLN E 163 53.97 -12.59 1.56
N VAL E 164 54.57 -11.42 1.37
CA VAL E 164 53.80 -10.19 1.34
C VAL E 164 52.93 -10.13 0.10
N ILE E 165 53.44 -10.60 -1.04
CA ILE E 165 52.64 -10.64 -2.26
C ILE E 165 51.43 -11.55 -2.07
N THR E 166 51.65 -12.74 -1.48
CA THR E 166 50.54 -13.65 -1.24
C THR E 166 49.55 -13.04 -0.26
N SER E 167 50.04 -12.41 0.80
CA SER E 167 49.15 -11.79 1.77
C SER E 167 48.30 -10.70 1.12
N LEU E 168 48.92 -9.84 0.32
CA LEU E 168 48.17 -8.78 -0.36
C LEU E 168 47.14 -9.35 -1.33
N LEU E 169 47.53 -10.34 -2.13
CA LEU E 169 46.59 -10.88 -3.10
C LEU E 169 45.40 -11.56 -2.42
N LEU E 170 45.68 -12.41 -1.42
CA LEU E 170 44.59 -13.09 -0.73
C LEU E 170 43.74 -12.12 0.07
N GLY E 171 44.36 -11.12 0.70
CA GLY E 171 43.59 -10.13 1.43
C GLY E 171 42.73 -9.28 0.53
N THR E 172 43.24 -8.93 -0.64
CA THR E 172 42.43 -8.20 -1.61
C THR E 172 41.27 -9.04 -2.10
N LEU E 173 41.51 -10.33 -2.32
CA LEU E 173 40.42 -11.22 -2.72
C LEU E 173 39.37 -11.33 -1.62
N ILE E 174 39.80 -11.47 -0.37
CA ILE E 174 38.86 -11.56 0.74
C ILE E 174 38.09 -10.26 0.89
N PHE E 175 38.76 -9.12 0.77
CA PHE E 175 38.10 -7.83 0.89
C PHE E 175 37.09 -7.65 -0.22
N CYS E 176 37.45 -8.01 -1.45
CA CYS E 176 36.52 -7.90 -2.57
C CYS E 176 35.33 -8.81 -2.39
N ALA E 177 35.56 -10.04 -1.93
CA ALA E 177 34.43 -10.96 -1.72
C ALA E 177 33.51 -10.45 -0.62
N VAL E 178 34.08 -9.99 0.49
CA VAL E 178 33.28 -9.46 1.59
C VAL E 178 32.49 -8.25 1.12
N LEU E 179 33.16 -7.33 0.41
CA LEU E 179 32.50 -6.12 -0.05
C LEU E 179 31.37 -6.46 -1.02
N GLY E 180 31.66 -7.30 -2.02
CA GLY E 180 30.65 -7.64 -3.00
C GLY E 180 29.43 -8.30 -2.39
N ASN E 181 29.67 -9.30 -1.52
CA ASN E 181 28.56 -10.04 -0.96
C ASN E 181 27.78 -9.20 0.03
N ALA E 182 28.48 -8.43 0.87
CA ALA E 182 27.80 -7.55 1.81
C ALA E 182 27.01 -6.48 1.09
N CYS E 183 27.52 -5.98 -0.03
CA CYS E 183 26.77 -4.99 -0.79
C CYS E 183 25.55 -5.60 -1.44
N VAL E 184 25.65 -6.86 -1.90
CA VAL E 184 24.46 -7.53 -2.45
C VAL E 184 23.40 -7.70 -1.36
N VAL E 185 23.82 -8.13 -0.17
CA VAL E 185 22.87 -8.32 0.93
C VAL E 185 22.27 -6.99 1.35
N ALA E 186 23.10 -5.95 1.41
CA ALA E 186 22.61 -4.63 1.78
C ALA E 186 21.63 -4.10 0.75
N ALA E 187 21.90 -4.31 -0.54
CA ALA E 187 20.95 -3.88 -1.56
C ALA E 187 19.64 -4.64 -1.44
N ILE E 188 19.70 -5.93 -1.10
CA ILE E 188 18.48 -6.69 -0.86
C ILE E 188 17.69 -6.09 0.30
N ALA E 189 18.40 -5.80 1.40
CA ALA E 189 17.74 -5.33 2.61
C ALA E 189 17.29 -3.88 2.51
N LEU E 190 17.85 -3.09 1.61
CA LEU E 190 17.58 -1.67 1.56
C LEU E 190 16.47 -1.31 0.60
N GLU E 191 16.24 -2.14 -0.42
CA GLU E 191 15.30 -1.81 -1.48
C GLU E 191 14.11 -2.76 -1.42
N ARG E 192 12.92 -2.19 -1.55
CA ARG E 192 11.70 -2.99 -1.65
C ARG E 192 11.65 -3.72 -2.97
N SER E 193 12.26 -3.16 -4.02
CA SER E 193 12.21 -3.74 -5.34
C SER E 193 13.07 -4.99 -5.49
N LEU E 194 13.97 -5.26 -4.55
CA LEU E 194 14.83 -6.43 -4.62
C LEU E 194 14.42 -7.49 -3.62
N GLN E 195 13.22 -7.40 -3.08
CA GLN E 195 12.74 -8.40 -2.14
C GLN E 195 11.79 -9.30 -2.90
N ASN E 196 12.39 -10.24 -3.62
CA ASN E 196 11.68 -11.20 -4.46
C ASN E 196 12.18 -12.58 -4.10
N VAL E 197 11.42 -13.61 -4.50
CA VAL E 197 11.88 -14.97 -4.27
C VAL E 197 13.22 -15.21 -4.95
N ALA E 198 13.32 -14.83 -6.22
CA ALA E 198 14.60 -14.95 -6.92
C ALA E 198 15.67 -14.12 -6.25
N ASN E 199 15.34 -12.90 -5.85
CA ASN E 199 16.32 -12.07 -5.16
C ASN E 199 16.57 -12.55 -3.74
N TYR E 200 15.60 -13.21 -3.11
CA TYR E 200 15.89 -13.85 -1.83
C TYR E 200 16.91 -14.95 -1.98
N LEU E 201 16.78 -15.77 -3.02
CA LEU E 201 17.78 -16.81 -3.26
C LEU E 201 19.14 -16.21 -3.60
N ILE E 202 19.16 -15.17 -4.43
CA ILE E 202 20.43 -14.54 -4.78
C ILE E 202 21.08 -13.90 -3.55
N GLY E 203 20.29 -13.20 -2.74
CA GLY E 203 20.81 -12.60 -1.53
C GLY E 203 21.25 -13.61 -0.50
N SER E 204 20.59 -14.76 -0.45
CA SER E 204 21.05 -15.82 0.43
C SER E 204 22.33 -16.45 -0.07
N LEU E 205 22.49 -16.57 -1.38
CA LEU E 205 23.77 -16.97 -1.93
C LEU E 205 24.85 -15.96 -1.53
N ALA E 206 24.52 -14.67 -1.58
CA ALA E 206 25.46 -13.66 -1.13
C ALA E 206 25.76 -13.77 0.36
N VAL E 207 24.76 -14.11 1.17
CA VAL E 207 24.97 -14.30 2.60
C VAL E 207 25.91 -15.48 2.83
N THR E 208 25.66 -16.58 2.12
CA THR E 208 26.52 -17.76 2.24
C THR E 208 27.94 -17.45 1.79
N ASP E 209 28.08 -16.73 0.69
CA ASP E 209 29.41 -16.37 0.20
C ASP E 209 30.09 -15.39 1.14
N LEU E 210 29.33 -14.51 1.80
CA LEU E 210 29.90 -13.62 2.80
C LEU E 210 30.36 -14.39 4.02
N MET E 211 29.59 -15.40 4.43
CA MET E 211 30.05 -16.29 5.48
C MET E 211 31.33 -16.99 5.07
N VAL E 212 31.41 -17.44 3.83
CA VAL E 212 32.66 -18.00 3.32
C VAL E 212 33.77 -16.98 3.48
N SER E 213 33.54 -15.75 3.01
CA SER E 213 34.58 -14.75 2.91
C SER E 213 35.05 -14.25 4.27
N VAL E 214 34.20 -14.31 5.30
CA VAL E 214 34.57 -13.83 6.62
C VAL E 214 34.98 -14.93 7.57
N LEU E 215 34.58 -16.18 7.34
CA LEU E 215 34.92 -17.28 8.23
C LEU E 215 36.02 -18.16 7.65
N VAL E 216 35.91 -18.54 6.39
CA VAL E 216 36.84 -19.46 5.77
C VAL E 216 38.02 -18.72 5.15
N LEU E 217 37.74 -17.76 4.27
CA LEU E 217 38.81 -17.09 3.55
C LEU E 217 39.87 -16.43 4.42
N PRO E 218 39.56 -15.74 5.51
CA PRO E 218 40.66 -15.23 6.36
C PRO E 218 41.50 -16.32 6.98
N MET E 219 40.89 -17.37 7.50
CA MET E 219 41.64 -18.46 8.12
C MET E 219 42.39 -19.26 7.06
N ALA E 220 41.77 -19.51 5.92
CA ALA E 220 42.46 -20.20 4.83
C ALA E 220 43.61 -19.37 4.31
N ALA E 221 43.46 -18.05 4.26
CA ALA E 221 44.54 -17.19 3.82
C ALA E 221 45.67 -17.16 4.83
N LEU E 222 45.34 -17.20 6.12
CA LEU E 222 46.38 -17.33 7.13
C LEU E 222 47.14 -18.63 6.96
N TYR E 223 46.43 -19.73 6.72
CA TYR E 223 47.07 -21.01 6.48
C TYR E 223 47.94 -20.97 5.24
N GLN E 224 47.50 -20.27 4.20
CA GLN E 224 48.27 -20.19 2.96
C GLN E 224 49.53 -19.35 3.14
N VAL E 225 49.39 -18.17 3.76
CA VAL E 225 50.53 -17.27 3.90
C VAL E 225 51.56 -17.85 4.86
N LEU E 226 51.11 -18.37 5.99
CA LEU E 226 52.03 -18.98 6.95
C LEU E 226 52.50 -20.36 6.53
N ASN E 227 51.90 -20.95 5.50
CA ASN E 227 52.24 -22.27 4.98
C ASN E 227 52.06 -23.35 6.02
N LYS E 228 51.42 -23.04 7.14
CA LYS E 228 51.25 -23.96 8.25
C LYS E 228 50.04 -23.50 9.04
N TRP E 229 49.48 -24.42 9.81
CA TRP E 229 48.30 -24.11 10.62
C TRP E 229 48.79 -23.65 12.00
N THR E 230 48.87 -22.34 12.18
CA THR E 230 49.26 -21.76 13.46
C THR E 230 48.06 -21.48 14.34
N LEU E 231 47.21 -22.49 14.49
CA LEU E 231 46.01 -22.42 15.30
C LEU E 231 45.79 -23.80 15.90
N GLY E 232 44.72 -23.94 16.67
CA GLY E 232 44.49 -25.18 17.37
C GLY E 232 43.92 -26.28 16.50
N GLN E 233 44.05 -27.51 17.00
CA GLN E 233 43.40 -28.64 16.33
C GLN E 233 41.89 -28.52 16.40
N VAL E 234 41.36 -28.04 17.52
CA VAL E 234 39.94 -27.72 17.59
C VAL E 234 39.59 -26.65 16.58
N THR E 235 40.44 -25.63 16.46
CA THR E 235 40.21 -24.59 15.49
C THR E 235 40.36 -25.12 14.06
N CYS E 236 41.29 -26.06 13.85
CA CYS E 236 41.39 -26.68 12.53
C CYS E 236 40.15 -27.47 12.17
N ASP E 237 39.60 -28.23 13.12
CA ASP E 237 38.38 -28.96 12.87
C ASP E 237 37.22 -28.01 12.57
N LEU E 238 37.14 -26.92 13.33
CA LEU E 238 36.11 -25.91 13.07
C LEU E 238 36.29 -25.30 11.69
N PHE E 239 37.54 -25.03 11.29
CA PHE E 239 37.81 -24.45 9.99
C PHE E 239 37.39 -25.39 8.86
N ILE E 240 37.74 -26.66 8.97
CA ILE E 240 37.36 -27.61 7.94
C ILE E 240 35.85 -27.72 7.86
N ALA E 241 35.19 -27.80 9.02
CA ALA E 241 33.74 -27.91 9.03
C ALA E 241 33.08 -26.68 8.41
N LEU E 242 33.55 -25.49 8.78
CA LEU E 242 32.97 -24.26 8.24
C LEU E 242 33.25 -24.13 6.75
N ASP E 243 34.47 -24.49 6.33
CA ASP E 243 34.83 -24.41 4.92
C ASP E 243 33.93 -25.30 4.08
N VAL E 244 33.80 -26.57 4.47
CA VAL E 244 32.96 -27.50 3.72
C VAL E 244 31.50 -27.06 3.78
N LEU E 245 31.03 -26.66 4.96
CA LEU E 245 29.68 -26.17 5.13
C LEU E 245 29.36 -25.03 4.18
N CYS E 246 30.19 -23.99 4.20
CA CYS E 246 29.87 -22.78 3.48
C CYS E 246 30.07 -22.93 1.98
N CYS E 247 31.09 -23.69 1.56
CA CYS E 247 31.28 -23.93 0.13
C CYS E 247 30.17 -24.82 -0.43
N THR E 248 29.80 -25.88 0.30
CA THR E 248 28.69 -26.71 -0.13
C THR E 248 27.40 -25.93 -0.18
N SER E 249 27.18 -25.04 0.79
CA SER E 249 25.97 -24.24 0.80
C SER E 249 25.95 -23.26 -0.37
N SER E 250 27.11 -22.71 -0.74
CA SER E 250 27.13 -21.80 -1.88
C SER E 250 26.87 -22.55 -3.18
N ILE E 251 27.48 -23.72 -3.36
CA ILE E 251 27.24 -24.50 -4.57
C ILE E 251 25.77 -24.91 -4.66
N TRP E 252 25.20 -25.34 -3.54
CA TRP E 252 23.80 -25.72 -3.55
C TRP E 252 22.88 -24.51 -3.66
N HIS E 253 23.35 -23.32 -3.27
CA HIS E 253 22.61 -22.10 -3.58
C HIS E 253 22.58 -21.86 -5.09
N LEU E 254 23.70 -22.12 -5.78
CA LEU E 254 23.65 -22.05 -7.23
C LEU E 254 22.61 -23.01 -7.77
N CYS E 255 22.55 -24.21 -7.22
CA CYS E 255 21.55 -25.19 -7.64
C CYS E 255 20.13 -24.71 -7.33
N ALA E 256 19.94 -24.08 -6.17
CA ALA E 256 18.62 -23.58 -5.80
C ALA E 256 18.19 -22.42 -6.67
N ILE E 257 19.12 -21.55 -7.02
CA ILE E 257 18.84 -20.46 -7.96
C ILE E 257 18.47 -21.04 -9.32
N ALA E 258 19.21 -22.05 -9.77
CA ALA E 258 18.88 -22.71 -11.03
C ALA E 258 17.52 -23.36 -10.98
N LEU E 259 17.18 -23.99 -9.86
CA LEU E 259 15.88 -24.63 -9.71
C LEU E 259 14.74 -23.62 -9.73
N ASP E 260 14.92 -22.50 -9.04
CA ASP E 260 13.91 -21.44 -9.06
C ASP E 260 13.75 -20.88 -10.46
N ARG E 261 14.87 -20.66 -11.17
CA ARG E 261 14.79 -20.19 -12.53
C ARG E 261 14.12 -21.20 -13.44
N TYR E 262 14.42 -22.47 -13.24
CA TYR E 262 13.80 -23.53 -14.01
C TYR E 262 12.29 -23.55 -13.80
N TRP E 263 11.85 -23.42 -12.55
CA TRP E 263 10.42 -23.41 -12.28
C TRP E 263 9.76 -22.15 -12.83
N ALA E 264 10.45 -21.01 -12.76
CA ALA E 264 9.91 -19.78 -13.30
C ALA E 264 9.77 -19.85 -14.81
N ILE E 265 10.73 -20.47 -15.49
CA ILE E 265 10.76 -20.46 -16.95
C ILE E 265 9.88 -21.57 -17.53
N THR E 266 9.76 -22.70 -16.84
CA THR E 266 9.01 -23.81 -17.36
C THR E 266 7.64 -23.98 -16.72
N ASP E 267 7.40 -23.33 -15.58
CA ASP E 267 6.11 -23.41 -14.88
C ASP E 267 5.67 -22.00 -14.52
N PRO E 268 5.16 -21.23 -15.50
CA PRO E 268 4.63 -19.89 -15.17
C PRO E 268 3.43 -19.94 -14.25
N ILE E 269 2.60 -20.98 -14.34
CA ILE E 269 1.43 -21.07 -13.47
C ILE E 269 1.86 -21.22 -12.02
N ASP E 270 2.88 -22.05 -11.77
CA ASP E 270 3.45 -22.13 -10.42
C ASP E 270 4.12 -20.82 -10.03
N TYR E 271 4.78 -20.17 -10.98
CA TYR E 271 5.40 -18.88 -10.70
C TYR E 271 4.38 -17.88 -10.19
N VAL E 272 3.17 -17.90 -10.75
CA VAL E 272 2.16 -16.93 -10.35
C VAL E 272 1.43 -17.39 -9.09
N ASN E 273 1.01 -18.65 -9.04
CA ASN E 273 0.09 -19.13 -8.03
C ASN E 273 0.79 -19.71 -6.80
N LYS E 274 1.93 -20.38 -6.98
CA LYS E 274 2.50 -21.16 -5.90
C LYS E 274 3.89 -20.72 -5.47
N ARG E 275 4.53 -19.81 -6.19
CA ARG E 275 5.88 -19.39 -5.86
C ARG E 275 5.80 -18.33 -4.77
N THR E 276 6.30 -18.65 -3.59
CA THR E 276 6.21 -17.79 -2.41
C THR E 276 7.58 -17.71 -1.77
N PRO E 277 7.81 -16.68 -0.94
CA PRO E 277 9.09 -16.61 -0.21
C PRO E 277 9.31 -17.79 0.71
N ARG E 278 8.25 -18.49 1.13
CA ARG E 278 8.45 -19.70 1.91
C ARG E 278 9.25 -20.73 1.12
N ARG E 279 9.04 -20.78 -0.19
CA ARG E 279 9.82 -21.70 -1.03
C ARG E 279 11.27 -21.27 -1.12
N ALA E 280 11.54 -19.97 -1.20
CA ALA E 280 12.92 -19.51 -1.17
C ALA E 280 13.59 -19.86 0.15
N ALA E 281 12.88 -19.68 1.26
CA ALA E 281 13.41 -20.06 2.57
C ALA E 281 13.64 -21.56 2.65
N ALA E 282 12.73 -22.34 2.08
CA ALA E 282 12.91 -23.79 2.08
C ALA E 282 14.15 -24.20 1.28
N LEU E 283 14.35 -23.57 0.12
CA LEU E 283 15.54 -23.87 -0.67
C LEU E 283 16.80 -23.48 0.06
N ILE E 284 16.80 -22.32 0.72
CA ILE E 284 17.96 -21.86 1.48
C ILE E 284 18.27 -22.83 2.61
N SER E 285 17.24 -23.21 3.37
CA SER E 285 17.42 -24.13 4.48
C SER E 285 17.92 -25.49 3.99
N LEU E 286 17.44 -25.91 2.81
CA LEU E 286 17.88 -27.18 2.25
C LEU E 286 19.34 -27.13 1.83
N THR E 287 19.78 -26.01 1.25
CA THR E 287 21.20 -25.87 0.92
C THR E 287 22.05 -25.93 2.17
N TRP E 288 21.65 -25.21 3.21
CA TRP E 288 22.42 -25.24 4.46
C TRP E 288 22.36 -26.61 5.12
N LEU E 289 21.25 -27.33 4.99
CA LEU E 289 21.16 -28.68 5.52
C LEU E 289 22.10 -29.63 4.81
N ILE E 290 22.19 -29.53 3.48
CA ILE E 290 23.17 -30.35 2.76
C ILE E 290 24.58 -29.97 3.16
N GLY E 291 24.84 -28.68 3.34
CA GLY E 291 26.15 -28.26 3.81
C GLY E 291 26.51 -28.89 5.14
N PHE E 292 25.58 -28.89 6.09
CA PHE E 292 25.82 -29.51 7.37
C PHE E 292 26.01 -31.02 7.23
N LEU E 293 25.17 -31.67 6.44
CA LEU E 293 25.27 -33.11 6.25
C LEU E 293 26.57 -33.51 5.55
N ILE E 294 27.20 -32.58 4.85
CA ILE E 294 28.50 -32.87 4.25
C ILE E 294 29.66 -32.53 5.18
N SER E 295 29.52 -31.50 6.00
CA SER E 295 30.65 -31.01 6.78
C SER E 295 30.75 -31.61 8.18
N ILE E 296 29.65 -32.05 8.77
CA ILE E 296 29.62 -32.54 10.14
C ILE E 296 30.16 -33.96 10.28
N PRO E 297 29.95 -34.87 9.32
CA PRO E 297 30.45 -36.25 9.48
C PRO E 297 31.93 -36.33 9.87
N PRO E 298 32.82 -35.50 9.32
CA PRO E 298 34.21 -35.55 9.82
C PRO E 298 34.34 -35.23 11.29
N MET E 299 33.53 -34.32 11.82
CA MET E 299 33.59 -34.02 13.25
C MET E 299 32.98 -35.15 14.07
N LEU E 300 31.88 -35.72 13.60
CA LEU E 300 31.30 -36.88 14.26
C LEU E 300 32.21 -38.09 14.18
N GLY E 301 33.19 -38.08 13.29
CA GLY E 301 34.17 -39.13 13.15
C GLY E 301 34.00 -39.88 11.84
N TRP E 302 34.76 -39.47 10.84
CA TRP E 302 34.85 -40.21 9.60
C TRP E 302 36.26 -40.16 9.00
N ARG E 303 37.23 -39.57 9.69
CA ARG E 303 38.57 -39.42 9.15
C ARG E 303 39.30 -40.76 9.10
N PRO E 311 49.68 -32.99 13.10
CA PRO E 311 50.70 -32.92 12.04
C PRO E 311 51.04 -31.49 11.62
N ASP E 312 50.58 -30.49 12.38
CA ASP E 312 50.86 -29.07 12.11
C ASP E 312 50.29 -28.59 10.78
N ALA E 313 49.48 -29.40 10.11
CA ALA E 313 48.80 -29.04 8.88
C ALA E 313 47.31 -29.34 9.01
N CYS E 314 46.49 -28.45 8.47
CA CYS E 314 45.04 -28.55 8.55
C CYS E 314 44.50 -28.89 7.17
N THR E 315 44.18 -30.16 6.98
CA THR E 315 43.69 -30.70 5.72
C THR E 315 42.36 -31.41 5.96
N ILE E 316 41.52 -31.43 4.92
CA ILE E 316 40.25 -32.14 5.04
C ILE E 316 40.50 -33.65 5.14
N SER E 317 39.51 -34.34 5.69
CA SER E 317 39.54 -35.79 5.77
C SER E 317 39.70 -36.42 4.39
N LYS E 318 40.61 -37.39 4.29
CA LYS E 318 40.90 -38.07 3.04
C LYS E 318 40.31 -39.47 3.00
N ASP E 319 39.32 -39.74 3.84
CA ASP E 319 38.67 -41.05 3.82
C ASP E 319 37.99 -41.25 2.47
N HIS E 320 38.17 -42.45 1.89
CA HIS E 320 37.63 -42.72 0.56
C HIS E 320 36.12 -42.60 0.54
N GLY E 321 35.45 -43.21 1.51
CA GLY E 321 34.01 -43.10 1.58
C GLY E 321 33.56 -41.67 1.78
N TYR E 322 34.19 -40.95 2.71
CA TYR E 322 33.85 -39.55 2.89
C TYR E 322 34.27 -38.71 1.68
N THR E 323 35.39 -39.05 1.04
CA THR E 323 35.76 -38.35 -0.17
C THR E 323 34.65 -38.42 -1.22
N ILE E 324 34.17 -39.62 -1.50
CA ILE E 324 33.10 -39.77 -2.48
C ILE E 324 31.84 -39.06 -2.01
N TYR E 325 31.47 -39.24 -0.74
CA TYR E 325 30.22 -38.70 -0.23
C TYR E 325 30.22 -37.17 -0.27
N SER E 326 31.35 -36.55 0.04
CA SER E 326 31.42 -35.10 0.15
C SER E 326 31.71 -34.42 -1.18
N THR E 327 32.48 -35.05 -2.07
CA THR E 327 32.69 -34.45 -3.38
C THR E 327 31.47 -34.62 -4.26
N PHE E 328 30.80 -35.78 -4.17
CA PHE E 328 29.61 -35.99 -4.96
C PHE E 328 28.38 -35.34 -4.33
N GLY E 329 28.45 -35.00 -3.04
CA GLY E 329 27.32 -34.36 -2.40
C GLY E 329 27.42 -32.86 -2.40
N ALA E 330 28.62 -32.33 -2.57
CA ALA E 330 28.83 -30.89 -2.58
C ALA E 330 29.06 -30.33 -3.97
N PHE E 331 29.64 -31.10 -4.89
CA PHE E 331 29.87 -30.60 -6.23
C PHE E 331 29.23 -31.44 -7.32
N TYR E 332 29.44 -32.76 -7.31
CA TYR E 332 29.12 -33.55 -8.49
C TYR E 332 27.62 -33.72 -8.68
N ILE E 333 26.89 -34.07 -7.63
CA ILE E 333 25.42 -34.00 -7.71
C ILE E 333 24.96 -32.58 -7.95
N PRO E 334 25.46 -31.55 -7.26
CA PRO E 334 25.13 -30.18 -7.67
C PRO E 334 25.47 -29.86 -9.11
N LEU E 335 26.63 -30.31 -9.59
CA LEU E 335 27.02 -30.02 -10.97
C LEU E 335 26.05 -30.67 -11.94
N LEU E 336 25.67 -31.92 -11.68
CA LEU E 336 24.75 -32.61 -12.59
C LEU E 336 23.37 -31.99 -12.55
N LEU E 337 22.86 -31.67 -11.35
CA LEU E 337 21.56 -31.03 -11.25
C LEU E 337 21.56 -29.69 -11.95
N MET E 338 22.61 -28.89 -11.73
CA MET E 338 22.64 -27.55 -12.30
C MET E 338 22.84 -27.60 -13.81
N LEU E 339 23.65 -28.53 -14.30
CA LEU E 339 23.76 -28.75 -15.75
C LEU E 339 22.44 -29.15 -16.35
N VAL E 340 21.73 -30.08 -15.72
CA VAL E 340 20.44 -30.54 -16.25
C VAL E 340 19.43 -29.40 -16.23
N LEU E 341 19.36 -28.68 -15.11
CA LEU E 341 18.39 -27.60 -14.98
C LEU E 341 18.65 -26.49 -15.98
N TYR E 342 19.92 -26.11 -16.17
CA TYR E 342 20.21 -25.05 -17.13
C TYR E 342 20.16 -25.54 -18.56
N GLY E 343 20.33 -26.84 -18.81
CA GLY E 343 20.05 -27.37 -20.13
C GLY E 343 18.58 -27.32 -20.47
N ARG E 344 17.72 -27.69 -19.52
CA ARG E 344 16.28 -27.54 -19.71
C ARG E 344 15.90 -26.08 -19.85
N ILE E 345 16.53 -25.20 -19.08
CA ILE E 345 16.27 -23.77 -19.19
C ILE E 345 16.68 -23.25 -20.55
N PHE E 346 17.82 -23.74 -21.07
CA PHE E 346 18.27 -23.37 -22.40
C PHE E 346 17.31 -23.86 -23.47
N ARG E 347 16.84 -25.10 -23.34
CA ARG E 347 15.89 -25.62 -24.31
C ARG E 347 14.58 -24.84 -24.27
N ALA E 348 14.12 -24.49 -23.07
CA ALA E 348 12.92 -23.65 -22.94
C ALA E 348 13.15 -22.26 -23.51
N ALA E 349 14.33 -21.69 -23.29
CA ALA E 349 14.62 -20.36 -23.81
C ALA E 349 14.62 -20.34 -25.32
N ARG E 350 15.28 -21.32 -25.95
CA ARG E 350 15.19 -21.40 -27.41
C ARG E 350 13.78 -21.70 -27.87
N PHE E 351 13.03 -22.54 -27.15
CA PHE E 351 11.67 -22.78 -27.57
C PHE E 351 10.87 -21.49 -27.57
N ARG E 352 11.04 -20.67 -26.53
CA ARG E 352 10.34 -19.39 -26.45
C ARG E 352 10.78 -18.45 -27.57
N ILE E 353 12.09 -18.37 -27.84
CA ILE E 353 12.59 -17.49 -28.89
C ILE E 353 12.10 -17.93 -30.25
N ARG E 354 12.16 -19.24 -30.53
CA ARG E 354 11.70 -19.75 -31.82
C ARG E 354 10.20 -19.52 -32.00
N LYS E 355 9.44 -19.69 -30.92
CA LYS E 355 8.01 -19.38 -30.96
C LYS E 355 7.78 -17.90 -31.20
N THR E 356 8.64 -17.04 -30.65
CA THR E 356 8.53 -15.61 -30.95
C THR E 356 8.71 -15.37 -32.44
N VAL E 357 9.70 -16.01 -33.05
CA VAL E 357 9.85 -15.90 -34.50
C VAL E 357 9.26 -17.13 -35.20
N ALA E 456 10.51 -7.77 -41.61
CA ALA E 456 10.38 -8.70 -40.48
C ALA E 456 11.72 -9.35 -40.16
N GLU E 457 12.74 -9.01 -40.94
CA GLU E 457 14.07 -9.57 -40.69
C GLU E 457 14.60 -9.13 -39.34
N ALA E 458 14.19 -7.96 -38.87
CA ALA E 458 14.62 -7.48 -37.56
C ALA E 458 14.14 -8.40 -36.45
N LYS E 459 12.98 -9.03 -36.61
CA LYS E 459 12.53 -10.03 -35.65
C LYS E 459 13.49 -11.21 -35.58
N ARG E 460 13.93 -11.71 -36.74
CA ARG E 460 14.90 -12.81 -36.72
C ARG E 460 16.26 -12.34 -36.22
N LYS E 461 16.62 -11.09 -36.53
CA LYS E 461 17.83 -10.49 -35.96
C LYS E 461 17.79 -10.55 -34.44
N MET E 462 16.68 -10.07 -33.86
CA MET E 462 16.57 -10.01 -32.40
C MET E 462 16.44 -11.40 -31.80
N ALA E 463 15.83 -12.35 -32.53
CA ALA E 463 15.78 -13.72 -32.03
C ALA E 463 17.17 -14.34 -31.97
N LEU E 464 17.99 -14.10 -33.00
CA LEU E 464 19.37 -14.57 -32.96
C LEU E 464 20.15 -13.88 -31.85
N ALA E 465 19.91 -12.59 -31.65
CA ALA E 465 20.56 -11.89 -30.55
C ALA E 465 20.13 -12.45 -29.20
N ARG E 466 18.85 -12.85 -29.08
CA ARG E 466 18.39 -13.47 -27.84
C ARG E 466 19.03 -14.83 -27.61
N GLU E 467 19.16 -15.63 -28.66
CA GLU E 467 19.84 -16.91 -28.51
C GLU E 467 21.31 -16.71 -28.14
N ARG E 468 21.95 -15.71 -28.73
CA ARG E 468 23.31 -15.38 -28.37
C ARG E 468 23.38 -14.97 -26.91
N LYS E 469 22.43 -14.16 -26.46
CA LYS E 469 22.40 -13.74 -25.06
C LYS E 469 22.16 -14.94 -24.14
N THR E 470 21.31 -15.87 -24.55
CA THR E 470 21.03 -17.04 -23.74
C THR E 470 22.27 -17.91 -23.61
N VAL E 471 22.97 -18.14 -24.71
CA VAL E 471 24.17 -18.96 -24.65
C VAL E 471 25.26 -18.24 -23.87
N LYS E 472 25.36 -16.91 -23.99
CA LYS E 472 26.34 -16.17 -23.20
C LYS E 472 26.02 -16.22 -21.71
N THR E 473 24.75 -16.10 -21.36
CA THR E 473 24.35 -16.11 -19.96
C THR E 473 24.60 -17.46 -19.33
N LEU E 474 24.18 -18.54 -20.01
CA LEU E 474 24.43 -19.86 -19.46
C LEU E 474 25.91 -20.21 -19.49
N GLY E 475 26.66 -19.68 -20.47
CA GLY E 475 28.09 -19.85 -20.44
C GLY E 475 28.71 -19.19 -19.24
N ILE E 476 28.33 -17.94 -18.97
CA ILE E 476 28.84 -17.26 -17.79
C ILE E 476 28.52 -18.06 -16.53
N ILE E 477 27.25 -18.42 -16.37
CA ILE E 477 26.82 -19.14 -15.16
C ILE E 477 27.61 -20.43 -15.00
N MET E 478 27.45 -21.34 -15.96
CA MET E 478 27.97 -22.68 -15.79
C MET E 478 29.49 -22.71 -15.93
N GLY E 479 30.05 -21.93 -16.85
CA GLY E 479 31.48 -21.88 -16.99
C GLY E 479 32.16 -21.29 -15.77
N THR E 480 31.57 -20.27 -15.15
CA THR E 480 32.15 -19.76 -13.92
C THR E 480 32.09 -20.81 -12.83
N PHE E 481 30.93 -21.43 -12.64
CA PHE E 481 30.82 -22.47 -11.62
C PHE E 481 31.82 -23.59 -11.85
N ILE E 482 31.92 -24.06 -13.10
CA ILE E 482 32.80 -25.18 -13.42
C ILE E 482 34.27 -24.77 -13.30
N LEU E 483 34.68 -23.70 -13.97
CA LEU E 483 36.07 -23.29 -13.90
C LEU E 483 36.50 -22.89 -12.51
N CYS E 484 35.55 -22.61 -11.62
CA CYS E 484 35.90 -22.33 -10.23
C CYS E 484 36.04 -23.60 -9.42
N TRP E 485 35.07 -24.51 -9.51
CA TRP E 485 35.00 -25.59 -8.55
C TRP E 485 35.39 -26.96 -9.09
N LEU E 486 35.24 -27.21 -10.39
CA LEU E 486 35.63 -28.50 -10.95
C LEU E 486 37.12 -28.78 -10.82
N PRO E 487 38.04 -27.86 -11.10
CA PRO E 487 39.46 -28.20 -10.86
C PRO E 487 39.73 -28.62 -9.43
N PHE E 488 39.10 -27.98 -8.46
CA PHE E 488 39.30 -28.38 -7.07
C PHE E 488 38.69 -29.73 -6.78
N PHE E 489 37.47 -29.97 -7.28
CA PHE E 489 36.76 -31.17 -6.87
C PHE E 489 37.22 -32.42 -7.61
N ILE E 490 37.77 -32.27 -8.81
CA ILE E 490 38.42 -33.40 -9.47
C ILE E 490 39.54 -33.92 -8.58
N VAL E 491 40.37 -33.01 -8.09
CA VAL E 491 41.46 -33.39 -7.20
C VAL E 491 40.94 -33.89 -5.86
N ALA E 492 39.92 -33.23 -5.31
CA ALA E 492 39.35 -33.66 -4.05
C ALA E 492 38.75 -35.05 -4.13
N LEU E 493 38.34 -35.48 -5.31
CA LEU E 493 37.81 -36.83 -5.51
C LEU E 493 38.90 -37.84 -5.83
N VAL E 494 39.84 -37.49 -6.69
CA VAL E 494 40.81 -38.44 -7.20
C VAL E 494 42.01 -38.57 -6.28
N LEU E 495 42.56 -37.44 -5.83
CA LEU E 495 43.79 -37.45 -5.05
C LEU E 495 43.71 -38.31 -3.78
N PRO E 496 42.61 -38.35 -3.03
CA PRO E 496 42.51 -39.32 -1.94
C PRO E 496 42.68 -40.76 -2.41
N PHE E 497 42.26 -41.06 -3.64
CA PHE E 497 42.45 -42.38 -4.23
C PHE E 497 43.83 -42.53 -4.85
N CYS E 498 44.65 -41.49 -4.80
CA CYS E 498 46.07 -41.54 -5.13
C CYS E 498 46.91 -41.33 -3.87
N GLU E 499 46.49 -41.97 -2.77
CA GLU E 499 47.11 -41.72 -1.48
C GLU E 499 48.60 -42.02 -1.46
N SER E 500 49.09 -42.84 -2.39
CA SER E 500 50.50 -43.17 -2.46
C SER E 500 51.14 -42.76 -3.78
N SER E 501 50.44 -42.90 -4.90
CA SER E 501 51.06 -42.64 -6.20
C SER E 501 51.05 -41.16 -6.54
N CYS E 502 49.87 -40.56 -6.67
CA CYS E 502 49.76 -39.18 -7.10
C CYS E 502 50.10 -38.25 -5.95
N HIS E 503 50.81 -37.16 -6.27
CA HIS E 503 51.20 -36.17 -5.28
C HIS E 503 50.92 -34.80 -5.88
N MET E 504 50.00 -34.06 -5.28
CA MET E 504 49.69 -32.73 -5.76
C MET E 504 50.78 -31.75 -5.37
N PRO E 505 51.25 -30.91 -6.30
CA PRO E 505 52.39 -30.01 -6.01
C PRO E 505 52.18 -29.06 -4.84
N THR E 506 50.97 -29.00 -4.26
CA THR E 506 50.59 -28.12 -3.15
C THR E 506 50.59 -26.66 -3.58
N LEU E 507 50.98 -26.35 -4.80
CA LEU E 507 50.70 -25.07 -5.43
C LEU E 507 49.47 -25.14 -6.30
N LEU E 508 49.35 -26.20 -7.10
CA LEU E 508 48.13 -26.43 -7.86
C LEU E 508 46.95 -26.65 -6.93
N GLY E 509 47.18 -27.33 -5.81
CA GLY E 509 46.10 -27.52 -4.84
C GLY E 509 45.61 -26.21 -4.26
N ALA E 510 46.54 -25.32 -3.89
CA ALA E 510 46.14 -24.00 -3.42
C ALA E 510 45.43 -23.22 -4.52
N ILE E 511 45.92 -23.31 -5.75
CA ILE E 511 45.31 -22.58 -6.86
C ILE E 511 43.87 -23.05 -7.08
N ILE E 512 43.65 -24.35 -7.08
CA ILE E 512 42.30 -24.86 -7.36
C ILE E 512 41.38 -24.57 -6.19
N ASN E 513 41.87 -24.69 -4.96
CA ASN E 513 41.06 -24.34 -3.81
C ASN E 513 40.67 -22.87 -3.83
N TRP E 514 41.60 -22.00 -4.21
CA TRP E 514 41.29 -20.59 -4.24
C TRP E 514 40.46 -20.20 -5.47
N LEU E 515 40.47 -20.99 -6.52
CA LEU E 515 39.47 -20.83 -7.57
C LEU E 515 38.08 -21.13 -7.04
N GLY E 516 37.96 -22.22 -6.30
CA GLY E 516 36.69 -22.50 -5.63
C GLY E 516 36.27 -21.38 -4.70
N TYR E 517 37.21 -20.86 -3.92
CA TYR E 517 36.90 -19.72 -3.04
C TYR E 517 36.47 -18.52 -3.84
N SER E 518 37.16 -18.24 -4.95
CA SER E 518 36.85 -17.11 -5.80
C SER E 518 35.49 -17.25 -6.46
N ASN E 519 34.94 -18.47 -6.51
CA ASN E 519 33.54 -18.60 -6.89
C ASN E 519 32.63 -17.78 -6.00
N SER E 520 33.00 -17.63 -4.73
CA SER E 520 32.21 -16.80 -3.81
C SER E 520 32.38 -15.31 -4.09
N LEU E 521 33.49 -14.92 -4.71
CA LEU E 521 33.65 -13.56 -5.19
C LEU E 521 32.87 -13.32 -6.47
N LEU E 522 32.81 -14.33 -7.34
CA LEU E 522 32.22 -14.18 -8.66
C LEU E 522 30.71 -14.38 -8.65
N ASN E 523 30.17 -15.08 -7.66
CA ASN E 523 28.73 -15.27 -7.59
C ASN E 523 27.95 -13.97 -7.49
N PRO E 524 28.32 -12.98 -6.66
CA PRO E 524 27.59 -11.71 -6.70
C PRO E 524 27.62 -11.05 -8.07
N VAL E 525 28.75 -11.17 -8.77
CA VAL E 525 28.86 -10.59 -10.09
C VAL E 525 27.91 -11.26 -11.07
N ILE E 526 27.85 -12.60 -11.03
CA ILE E 526 26.97 -13.32 -11.95
C ILE E 526 25.51 -13.02 -11.64
N TYR E 527 25.13 -13.14 -10.37
CA TYR E 527 23.72 -13.19 -10.01
C TYR E 527 23.15 -11.87 -9.54
N ALA E 528 23.98 -10.96 -9.05
CA ALA E 528 23.50 -9.64 -8.65
C ALA E 528 24.09 -8.54 -9.51
N TYR E 529 25.41 -8.39 -9.56
CA TYR E 529 26.00 -7.25 -10.25
C TYR E 529 25.72 -7.26 -11.74
N PHE E 530 25.46 -8.42 -12.33
CA PHE E 530 25.02 -8.43 -13.73
C PHE E 530 23.52 -8.20 -13.85
N ASN E 531 22.77 -8.33 -12.76
CA ASN E 531 21.33 -8.17 -12.83
C ASN E 531 20.99 -6.70 -13.01
N LYS E 532 20.08 -6.41 -13.95
CA LYS E 532 19.64 -5.04 -14.19
C LYS E 532 18.94 -4.45 -12.98
N ASP E 533 18.08 -5.24 -12.34
CA ASP E 533 17.36 -4.78 -11.16
C ASP E 533 18.33 -4.40 -10.05
N PHE E 534 19.33 -5.25 -9.81
CA PHE E 534 20.33 -4.95 -8.80
C PHE E 534 21.13 -3.71 -9.17
N GLN E 535 21.45 -3.54 -10.45
CA GLN E 535 22.21 -2.35 -10.86
C GLN E 535 21.41 -1.08 -10.59
N ASN E 536 20.11 -1.09 -10.90
CA ASN E 536 19.28 0.08 -10.61
C ASN E 536 19.21 0.34 -9.11
N ALA E 537 19.03 -0.73 -8.32
CA ALA E 537 18.94 -0.56 -6.87
C ALA E 537 20.25 -0.03 -6.30
N PHE E 538 21.39 -0.51 -6.81
CA PHE E 538 22.67 0.03 -6.38
C PHE E 538 22.81 1.49 -6.78
N LYS E 539 22.29 1.86 -7.95
CA LYS E 539 22.28 3.27 -8.31
C LYS E 539 21.46 4.08 -7.32
N LYS E 540 20.40 3.50 -6.75
CA LYS E 540 19.59 4.22 -5.78
C LYS E 540 20.37 4.57 -4.52
N ILE E 541 21.52 3.95 -4.29
CA ILE E 541 22.38 4.32 -3.19
C ILE E 541 23.64 5.02 -3.72
C1 A1ES4 F . 41.38 -26.37 2.98
C10 A1ES4 F . 33.03 -31.03 0.00
C11 A1ES4 F . 34.35 -31.45 -0.10
C12 A1ES4 F . 35.42 -30.53 -0.11
C13 A1ES4 F . 36.62 -31.30 -0.21
C14 A1ES4 F . 36.26 -32.61 -0.25
C2 A1ES4 F . 40.17 -27.17 2.52
C3 A1ES4 F . 39.30 -27.60 3.70
C4 A1ES4 F . 38.13 -27.08 1.19
C5 A1ES4 F . 37.37 -26.33 0.11
C6 A1ES4 F . 36.00 -26.96 0.02
C7 A1ES4 F . 35.14 -29.17 -0.02
C8 A1ES4 F . 33.84 -28.75 0.07
C9 A1ES4 F . 32.80 -29.68 0.08
N1 A1ES4 F . 39.39 -26.40 1.54
N2 A1ES4 F . 34.89 -32.71 -0.18
O1 A1ES4 F . 36.23 -28.36 -0.05
O2 A1ES4 F . 37.23 -24.98 0.50
C1 CLR G . 31.88 -15.99 -24.46
C2 CLR G . 30.74 -15.61 -25.39
C3 CLR G . 30.12 -16.88 -25.94
C4 CLR G . 29.51 -17.65 -24.77
C5 CLR G . 30.54 -17.93 -23.73
C6 CLR G . 30.57 -19.12 -23.18
C7 CLR G . 31.56 -19.50 -22.14
C8 CLR G . 32.01 -18.26 -21.39
C9 CLR G . 32.50 -17.20 -22.38
C10 CLR G . 31.34 -16.75 -23.25
C11 CLR G . 33.10 -15.99 -21.64
C12 CLR G . 34.15 -16.37 -20.60
C13 CLR G . 33.54 -17.39 -19.64
C14 CLR G . 33.15 -18.62 -20.47
C15 CLR G . 32.88 -19.66 -19.40
C16 CLR G . 34.04 -19.43 -18.42
C17 CLR G . 34.53 -17.99 -18.61
C18 CLR G . 32.31 -16.83 -18.91
C19 CLR G . 30.42 -15.84 -22.45
C20 CLR G . 34.56 -17.23 -17.28
C21 CLR G . 35.46 -15.99 -17.38
C22 CLR G . 35.05 -18.14 -16.17
C23 CLR G . 35.72 -17.32 -15.08
C24 CLR G . 36.53 -18.22 -14.18
C25 CLR G . 37.44 -17.36 -13.32
C26 CLR G . 38.76 -17.15 -14.04
C27 CLR G . 37.67 -18.03 -11.97
O1 CLR G . 29.14 -16.50 -26.85
C1 CLR H . 48.46 -19.96 -4.85
C2 CLR H . 49.47 -20.48 -3.85
C3 CLR H . 50.58 -19.48 -3.72
C4 CLR H . 49.98 -18.22 -3.10
C5 CLR H . 48.92 -17.69 -3.98
C6 CLR H . 48.86 -16.39 -4.16
C7 CLR H . 47.90 -15.75 -5.09
C8 CLR H . 46.65 -16.60 -5.22
C9 CLR H . 46.99 -18.07 -5.50
C10 CLR H . 47.83 -18.65 -4.37
C11 CLR H . 45.72 -18.88 -5.68
C12 CLR H . 44.87 -18.37 -6.81
C13 CLR H . 44.55 -16.89 -6.58
C14 CLR H . 45.86 -16.10 -6.43
C15 CLR H . 45.37 -14.67 -6.38
C16 CLR H . 44.26 -14.67 -7.45
C17 CLR H . 43.94 -16.15 -7.77
C18 CLR H . 43.67 -16.68 -5.35
C19 CLR H . 46.96 -18.92 -3.14
C20 CLR H . 42.43 -16.39 -7.93
C21 CLR H . 42.17 -17.57 -8.87
C22 CLR H . 41.75 -15.14 -8.48
C23 CLR H . 40.37 -15.49 -8.99
C24 CLR H . 39.46 -14.28 -8.91
C25 CLR H . 38.62 -14.14 -10.16
C26 CLR H . 38.21 -12.69 -10.31
C27 CLR H . 39.39 -14.60 -11.39
O1 CLR H . 51.54 -20.02 -2.87
C1 T7M I . 23.74 -10.22 -19.03
O1 T7M I . 24.42 -9.30 -19.85
P1 T7M I . 25.77 -8.43 -19.36
C2 T7M I . 24.67 -11.20 -18.32
O2 T7M I . 25.47 -11.78 -19.30
C3 T7M I . 23.78 -12.29 -17.71
O3 T7M I . 24.60 -13.18 -17.02
C4 T7M I . 22.79 -11.69 -16.64
O4 T7M I . 21.94 -12.66 -16.28
P4 T7M I . 21.38 -12.80 -14.55
C5 T7M I . 21.95 -10.56 -17.35
O5 T7M I . 21.20 -9.94 -16.36
C6 T7M I . 22.84 -9.50 -18.01
O6 T7M I . 23.67 -8.85 -17.11
C7 T7M I . 28.08 -9.57 -18.82
C8 T7M I . 28.97 -8.38 -19.20
C9 T7M I . 28.94 -7.32 -18.07
C10 T7M I . 30.81 -8.55 -20.63
C11 T7M I . 27.54 -5.59 -17.33
O11 T7M I . 25.75 -8.30 -17.88
C12 T7M I . 32.30 -8.28 -20.69
O12 T7M I . 26.09 -7.33 -20.31
O13 T7M I . 27.00 -9.58 -19.66
O16 T7M I . 30.31 -8.79 -19.40
O17 T7M I . 30.10 -8.56 -21.63
O18 T7M I . 27.99 -6.31 -18.38
O19 T7M I . 26.35 -5.63 -17.05
C31 T7M I . 28.58 -4.79 -16.59
O41 T7M I . 20.02 -12.14 -14.62
O42 T7M I . 21.44 -14.29 -14.43
O43 T7M I . 22.44 -12.03 -13.82
#